data_7E7Y
#
_entry.id   7E7Y
#
_cell.length_a   93.817
_cell.length_b   126.631
_cell.length_c   138.904
_cell.angle_alpha   90.000
_cell.angle_beta   90.000
_cell.angle_gamma   90.000
#
_symmetry.space_group_name_H-M   'P 21 21 21'
#
loop_
_entity.id
_entity.type
_entity.pdbx_description
1 polymer 'BD-623 Fab H'
2 polymer 'BD-623 Fab L'
3 polymer 'Spike protein S1'
4 water water
#
loop_
_entity_poly.entity_id
_entity_poly.type
_entity_poly.pdbx_seq_one_letter_code
_entity_poly.pdbx_strand_id
1 'polypeptide(L)'
;EVQLVESGGGLVQPGGSLRLSCAASGVTVSSNYMSWVRQAPGKGLEWVSAVYSGGSTYYADSVKGRFTISRHNSKNTLYL
QMKSLRPEDTAIYYCARLINHYYDSSGDGGAFDIWGQGTMVTVSSASTKGPSVFPLAPSSKSTSGGTAALGCLVKDYFPE
PVTVSWNSGALTSGVHTFPAVLQSSGLYSLSSVVTVPSSSLGTQTYICNVNHKPSNTKVDKKVEPKSC
;
A,C
2 'polypeptide(L)'
;LTQPASVSGSPGQSITISCTGTSSDVGSYNLVSWYQQRPGKAPKLILYEVTKRPSGVSNRFSGSKSGNTASLAISGLQAE
DEADYYCCSYAGSSTWVFGGGTKLTVLGQPKAAPSVTLFPPSSEELQANKATLVCLISDFYPGAVTVAWKADSSPVKAGV
ETTTPSKQSNNKYAASSYLSLTPEQWKSHRSYSCQVTHEGSTVEKTVAP
;
B,D
3 'polypeptide(L)'
;RVQPTESIVRFPNITNLCPFGEVFNATRFASVYAWNRKRISNCVADYSVLYNSASFSTFKCYGVSPTKLNDLCFTNVYAD
SFVIRGDEVRQIAPGQTGKIADYNYKLPDDFTGCVIAWNSNNLDSKVGGNYNYLYRLFRKSNLKPFERDISTEIYQAGST
PCNGVEGFNCYFPLQSYGFQPTNGVGYQPYRVVVLSFELLHAPATVCGPKKSTNLVKNKCVNF
;
R,E
#
# COMPACT_ATOMS: atom_id res chain seq x y z
N VAL A 2 4.82 -7.02 -4.87
CA VAL A 2 4.65 -6.67 -3.46
C VAL A 2 3.19 -6.68 -2.98
N GLN A 3 2.26 -5.92 -3.58
CA GLN A 3 1.06 -5.66 -2.78
C GLN A 3 -0.18 -5.31 -3.61
N LEU A 4 -1.35 -5.74 -3.12
CA LEU A 4 -2.67 -5.34 -3.64
C LEU A 4 -3.54 -4.85 -2.49
N VAL A 5 -3.96 -3.59 -2.54
CA VAL A 5 -4.60 -2.96 -1.38
C VAL A 5 -6.06 -2.70 -1.72
N GLU A 6 -6.95 -3.46 -1.11
CA GLU A 6 -8.36 -3.37 -1.40
C GLU A 6 -9.06 -2.34 -0.51
N SER A 7 -10.23 -1.91 -0.97
CA SER A 7 -11.03 -0.90 -0.30
C SER A 7 -12.42 -0.96 -0.89
N GLY A 8 -13.35 -0.22 -0.26
CA GLY A 8 -14.69 -0.02 -0.79
C GLY A 8 -15.76 -0.89 -0.18
N GLY A 9 -15.40 -1.84 0.68
CA GLY A 9 -16.41 -2.70 1.28
C GLY A 9 -17.22 -1.96 2.32
N GLY A 10 -18.41 -2.48 2.57
CA GLY A 10 -19.27 -1.87 3.58
C GLY A 10 -20.57 -2.61 3.71
N LEU A 11 -21.50 -1.95 4.39
CA LEU A 11 -22.85 -2.44 4.60
C LEU A 11 -23.79 -1.86 3.56
N VAL A 12 -24.65 -2.68 2.96
CA VAL A 12 -25.60 -2.23 1.94
C VAL A 12 -26.88 -3.05 2.05
N GLN A 13 -27.99 -2.46 1.59
CA GLN A 13 -29.27 -3.13 1.69
C GLN A 13 -29.48 -4.02 0.48
N PRO A 14 -30.26 -5.11 0.63
CA PRO A 14 -30.59 -5.94 -0.53
C PRO A 14 -31.07 -5.09 -1.69
N GLY A 15 -30.57 -5.41 -2.89
CA GLY A 15 -30.85 -4.62 -4.07
C GLY A 15 -30.00 -3.38 -4.23
N GLY A 16 -29.07 -3.13 -3.31
CA GLY A 16 -28.16 -2.02 -3.44
C GLY A 16 -26.95 -2.35 -4.31
N SER A 17 -26.02 -1.40 -4.33
CA SER A 17 -24.87 -1.42 -5.23
C SER A 17 -23.62 -1.01 -4.46
N LEU A 18 -22.48 -1.51 -4.92
CA LEU A 18 -21.20 -1.26 -4.27
C LEU A 18 -20.08 -1.48 -5.28
N ARG A 19 -19.03 -0.68 -5.15
CA ARG A 19 -17.87 -0.78 -6.02
C ARG A 19 -16.65 -1.06 -5.15
N LEU A 20 -16.02 -2.20 -5.38
CA LEU A 20 -14.79 -2.53 -4.69
C LEU A 20 -13.60 -2.10 -5.54
N SER A 21 -12.52 -1.74 -4.88
CA SER A 21 -11.31 -1.37 -5.58
C SER A 21 -10.13 -2.15 -5.01
N CYS A 22 -9.17 -2.41 -5.89
CA CYS A 22 -7.98 -3.21 -5.62
C CYS A 22 -6.83 -2.39 -6.21
N ALA A 23 -6.18 -1.59 -5.37
CA ALA A 23 -5.08 -0.76 -5.82
C ALA A 23 -3.77 -1.56 -5.72
N ALA A 24 -3.05 -1.66 -6.83
CA ALA A 24 -1.84 -2.46 -6.93
C ALA A 24 -0.58 -1.63 -6.71
N SER A 25 0.47 -2.30 -6.24
CA SER A 25 1.73 -1.64 -5.98
C SER A 25 2.83 -2.67 -6.18
N GLY A 26 3.73 -2.44 -7.13
CA GLY A 26 4.78 -3.40 -7.44
C GLY A 26 4.41 -4.46 -8.46
N VAL A 27 3.16 -4.45 -8.95
CA VAL A 27 2.70 -5.21 -10.10
C VAL A 27 1.78 -4.30 -10.90
N THR A 28 1.72 -4.52 -12.21
CA THR A 28 0.90 -3.73 -13.10
C THR A 28 -0.38 -4.52 -13.41
N VAL A 29 -1.52 -3.95 -13.04
CA VAL A 29 -2.80 -4.63 -13.25
C VAL A 29 -3.05 -4.87 -14.75
N SER A 30 -2.78 -3.86 -15.57
CA SER A 30 -3.08 -3.96 -17.00
C SER A 30 -2.27 -5.03 -17.70
N SER A 31 -1.18 -5.50 -17.10
CA SER A 31 -0.34 -6.53 -17.68
C SER A 31 -0.62 -7.91 -17.10
N ASN A 32 -1.67 -8.05 -16.30
CA ASN A 32 -1.91 -9.30 -15.60
C ASN A 32 -3.36 -9.75 -15.74
N TYR A 33 -3.54 -11.06 -15.81
CA TYR A 33 -4.83 -11.64 -15.47
C TYR A 33 -5.11 -11.39 -13.99
N MET A 34 -6.32 -10.97 -13.68
CA MET A 34 -6.75 -10.68 -12.31
C MET A 34 -8.03 -11.46 -12.02
N SER A 35 -8.33 -11.67 -10.74
CA SER A 35 -9.59 -12.28 -10.35
C SER A 35 -10.11 -11.67 -9.06
N TRP A 36 -11.42 -11.80 -8.84
CA TRP A 36 -12.04 -11.57 -7.55
C TRP A 36 -12.48 -12.92 -7.01
N VAL A 37 -12.12 -13.21 -5.74
CA VAL A 37 -12.52 -14.42 -5.02
C VAL A 37 -13.15 -14.00 -3.70
N ARG A 38 -14.26 -14.64 -3.34
CA ARG A 38 -15.01 -14.21 -2.16
C ARG A 38 -15.18 -15.35 -1.17
N GLN A 39 -15.34 -14.98 0.10
CA GLN A 39 -15.41 -15.97 1.18
C GLN A 39 -16.48 -15.55 2.18
N ALA A 40 -17.61 -16.24 2.18
CA ALA A 40 -18.65 -15.93 3.16
C ALA A 40 -18.14 -16.29 4.56
N PRO A 41 -18.71 -15.67 5.60
CA PRO A 41 -18.21 -15.95 6.96
C PRO A 41 -18.39 -17.43 7.32
N GLY A 42 -17.28 -18.06 7.72
CA GLY A 42 -17.30 -19.47 8.04
C GLY A 42 -17.31 -20.43 6.87
N LYS A 43 -17.30 -19.95 5.62
CA LYS A 43 -17.41 -20.82 4.44
C LYS A 43 -16.10 -20.82 3.63
N GLY A 44 -16.14 -21.43 2.46
CA GLY A 44 -14.96 -21.60 1.64
C GLY A 44 -14.78 -20.48 0.63
N LEU A 45 -13.70 -20.59 -0.14
CA LEU A 45 -13.42 -19.63 -1.20
C LEU A 45 -14.35 -19.90 -2.38
N GLU A 46 -14.78 -18.83 -3.04
CA GLU A 46 -15.58 -18.98 -4.26
C GLU A 46 -15.03 -18.04 -5.31
N TRP A 47 -14.64 -18.58 -6.46
CA TRP A 47 -14.21 -17.73 -7.54
C TRP A 47 -15.42 -16.98 -8.10
N VAL A 48 -15.22 -15.70 -8.40
CA VAL A 48 -16.29 -14.79 -8.73
C VAL A 48 -16.15 -14.24 -10.14
N SER A 49 -14.94 -13.79 -10.50
CA SER A 49 -14.76 -13.07 -11.76
C SER A 49 -13.29 -13.05 -12.14
N ALA A 50 -13.04 -12.92 -13.44
CA ALA A 50 -11.68 -12.79 -13.96
C ALA A 50 -11.69 -11.88 -15.16
N VAL A 51 -10.60 -11.13 -15.33
CA VAL A 51 -10.38 -10.31 -16.52
C VAL A 51 -9.09 -10.78 -17.18
N TYR A 52 -9.12 -10.92 -18.51
CA TYR A 52 -7.91 -11.36 -19.22
C TYR A 52 -7.49 -10.29 -20.22
N SER A 53 -6.82 -10.68 -21.30
CA SER A 53 -6.41 -9.69 -22.29
C SER A 53 -7.61 -9.16 -23.08
N GLY A 54 -7.39 -8.00 -23.72
CA GLY A 54 -8.38 -7.41 -24.58
C GLY A 54 -9.67 -7.01 -23.89
N GLY A 55 -9.63 -6.85 -22.57
CA GLY A 55 -10.84 -6.59 -21.83
C GLY A 55 -11.79 -7.76 -21.64
N SER A 56 -11.42 -8.98 -22.06
CA SER A 56 -12.32 -10.12 -21.86
C SER A 56 -12.54 -10.40 -20.37
N THR A 57 -13.78 -10.72 -20.01
CA THR A 57 -14.17 -10.91 -18.62
C THR A 57 -15.08 -12.12 -18.52
N TYR A 58 -14.97 -12.82 -17.38
CA TYR A 58 -15.78 -14.01 -17.11
C TYR A 58 -16.30 -13.95 -15.67
N TYR A 59 -17.35 -14.70 -15.39
CA TYR A 59 -18.06 -14.59 -14.12
C TYR A 59 -18.62 -15.93 -13.70
N ALA A 60 -18.74 -16.10 -12.38
CA ALA A 60 -19.48 -17.23 -11.84
C ALA A 60 -20.95 -17.08 -12.21
N ASP A 61 -21.66 -18.21 -12.32
CA ASP A 61 -23.11 -18.14 -12.61
C ASP A 61 -23.85 -17.34 -11.53
N SER A 62 -23.49 -17.53 -10.25
CA SER A 62 -24.19 -16.85 -9.15
C SER A 62 -24.06 -15.35 -9.19
N VAL A 63 -23.34 -14.84 -10.18
CA VAL A 63 -22.98 -13.42 -10.24
C VAL A 63 -23.21 -12.79 -11.61
N LYS A 64 -23.45 -13.55 -12.68
CA LYS A 64 -23.66 -12.95 -14.00
C LYS A 64 -24.82 -11.97 -14.02
N GLY A 65 -24.65 -10.92 -14.83
CA GLY A 65 -25.63 -9.87 -14.92
C GLY A 65 -25.64 -8.91 -13.77
N ARG A 66 -24.91 -9.19 -12.68
CA ARG A 66 -24.96 -8.30 -11.54
C ARG A 66 -23.62 -7.69 -11.18
N PHE A 67 -22.51 -8.37 -11.48
CA PHE A 67 -21.21 -7.81 -11.14
C PHE A 67 -20.46 -7.53 -12.43
N THR A 68 -19.57 -6.54 -12.38
CA THR A 68 -18.74 -6.21 -13.54
C THR A 68 -17.33 -5.93 -13.05
N ILE A 69 -16.34 -6.68 -13.57
CA ILE A 69 -14.93 -6.42 -13.29
C ILE A 69 -14.38 -5.47 -14.36
N SER A 70 -13.47 -4.59 -13.93
CA SER A 70 -12.90 -3.58 -14.80
C SER A 70 -11.63 -3.05 -14.15
N ARG A 71 -10.96 -2.11 -14.83
CA ARG A 71 -9.72 -1.57 -14.31
C ARG A 71 -9.50 -0.16 -14.86
N HIS A 72 -8.69 0.61 -14.15
CA HIS A 72 -8.23 1.92 -14.57
C HIS A 72 -6.71 1.88 -14.61
N ASN A 73 -6.12 1.97 -15.80
CA ASN A 73 -4.67 1.84 -15.88
C ASN A 73 -4.00 3.07 -15.29
N SER A 74 -4.61 4.24 -15.50
CA SER A 74 -4.09 5.48 -14.93
C SER A 74 -3.97 5.42 -13.41
N LYS A 75 -4.75 4.56 -12.75
CA LYS A 75 -4.67 4.39 -11.30
C LYS A 75 -4.06 3.06 -10.89
N ASN A 76 -3.72 2.19 -11.84
CA ASN A 76 -3.18 0.85 -11.56
C ASN A 76 -4.08 0.12 -10.57
N THR A 77 -5.38 0.14 -10.86
CA THR A 77 -6.36 -0.33 -9.92
C THR A 77 -7.39 -1.21 -10.61
N LEU A 78 -7.76 -2.30 -9.95
CA LEU A 78 -8.81 -3.20 -10.39
C LEU A 78 -10.08 -2.89 -9.62
N TYR A 79 -11.23 -3.19 -10.21
CA TYR A 79 -12.50 -2.84 -9.60
C TYR A 79 -13.46 -4.01 -9.71
N LEU A 80 -14.40 -4.07 -8.76
CA LEU A 80 -15.56 -4.96 -8.87
C LEU A 80 -16.79 -4.13 -8.58
N GLN A 81 -17.65 -3.99 -9.58
CA GLN A 81 -18.87 -3.20 -9.47
C GLN A 81 -20.01 -4.17 -9.29
N MET A 82 -20.74 -4.03 -8.20
CA MET A 82 -21.78 -4.94 -7.77
C MET A 82 -23.11 -4.21 -7.78
N LYS A 83 -24.14 -4.90 -8.27
CA LYS A 83 -25.48 -4.36 -8.32
C LYS A 83 -26.45 -5.46 -7.96
N SER A 84 -27.66 -5.04 -7.55
CA SER A 84 -28.71 -5.99 -7.16
C SER A 84 -28.19 -6.95 -6.10
N LEU A 85 -27.45 -6.42 -5.13
CA LEU A 85 -26.82 -7.27 -4.13
C LEU A 85 -27.87 -8.04 -3.34
N ARG A 86 -27.57 -9.31 -3.10
CA ARG A 86 -28.39 -10.23 -2.32
C ARG A 86 -27.73 -10.52 -0.98
N PRO A 87 -28.49 -10.95 0.02
CA PRO A 87 -27.86 -11.31 1.31
C PRO A 87 -26.79 -12.38 1.16
N GLU A 88 -26.95 -13.31 0.22
CA GLU A 88 -25.94 -14.35 0.05
C GLU A 88 -24.68 -13.84 -0.66
N ASP A 89 -24.61 -12.55 -1.00
CA ASP A 89 -23.37 -11.96 -1.50
C ASP A 89 -22.48 -11.44 -0.37
N THR A 90 -22.97 -11.46 0.88
CA THR A 90 -22.17 -11.12 2.06
C THR A 90 -20.92 -11.99 2.14
N ALA A 91 -19.75 -11.36 2.16
CA ALA A 91 -18.49 -12.10 2.15
C ALA A 91 -17.34 -11.12 2.27
N ILE A 92 -16.18 -11.65 2.65
CA ILE A 92 -14.91 -10.97 2.42
C ILE A 92 -14.56 -11.16 0.94
N TYR A 93 -14.23 -10.08 0.25
CA TYR A 93 -13.91 -10.16 -1.18
C TYR A 93 -12.41 -9.96 -1.34
N TYR A 94 -11.74 -10.95 -1.90
CA TYR A 94 -10.33 -10.80 -2.22
C TYR A 94 -10.16 -10.54 -3.70
N CYS A 95 -9.17 -9.70 -4.03
CA CYS A 95 -8.65 -9.66 -5.39
C CYS A 95 -7.33 -10.42 -5.43
N ALA A 96 -7.03 -11.00 -6.58
CA ALA A 96 -5.80 -11.76 -6.71
C ALA A 96 -5.29 -11.68 -8.14
N ARG A 97 -3.98 -11.86 -8.27
CA ARG A 97 -3.30 -11.99 -9.56
C ARG A 97 -3.30 -13.46 -9.98
N LEU A 98 -3.65 -13.70 -11.24
CA LEU A 98 -3.74 -15.03 -11.82
C LEU A 98 -2.56 -15.20 -12.79
N ILE A 99 -1.59 -16.04 -12.43
CA ILE A 99 -0.45 -16.24 -13.32
C ILE A 99 -0.88 -17.03 -14.55
N ASN A 100 -0.14 -16.86 -15.63
CA ASN A 100 -0.50 -17.41 -16.93
C ASN A 100 0.74 -17.98 -17.59
N HIS A 101 0.62 -18.28 -18.88
CA HIS A 101 1.68 -18.99 -19.59
C HIS A 101 2.99 -18.20 -19.59
N TYR A 102 2.91 -16.89 -19.75
CA TYR A 102 4.12 -16.07 -19.84
C TYR A 102 4.78 -15.82 -18.49
N TYR A 103 4.20 -16.30 -17.39
CA TYR A 103 4.85 -16.14 -16.10
C TYR A 103 6.24 -16.76 -16.11
N ASP A 104 6.36 -18.01 -16.60
CA ASP A 104 7.66 -18.61 -16.89
C ASP A 104 7.85 -19.09 -18.33
N SER A 105 6.81 -19.05 -19.18
CA SER A 105 6.83 -19.45 -20.59
C SER A 105 7.08 -20.95 -20.77
N SER A 106 7.15 -21.69 -19.65
CA SER A 106 7.12 -23.15 -19.68
C SER A 106 5.68 -23.65 -19.56
N GLY A 107 5.11 -23.63 -18.34
CA GLY A 107 3.77 -24.11 -18.09
C GLY A 107 2.70 -23.03 -18.21
N ASP A 108 1.46 -23.44 -17.90
CA ASP A 108 0.27 -22.59 -18.13
C ASP A 108 -0.01 -21.63 -16.98
N GLY A 109 0.56 -21.86 -15.80
CA GLY A 109 0.26 -21.04 -14.64
C GLY A 109 -1.04 -21.48 -13.97
N GLY A 110 -2.06 -20.64 -14.05
CA GLY A 110 -3.37 -21.04 -13.58
C GLY A 110 -3.50 -21.15 -12.07
N ALA A 111 -3.01 -20.14 -11.36
CA ALA A 111 -3.11 -20.11 -9.90
C ALA A 111 -3.03 -18.67 -9.42
N PHE A 112 -3.53 -18.43 -8.22
CA PHE A 112 -3.58 -17.08 -7.66
C PHE A 112 -2.43 -16.93 -6.67
N ASP A 113 -1.41 -16.16 -7.03
CA ASP A 113 -0.22 -16.09 -6.19
C ASP A 113 -0.13 -14.82 -5.36
N ILE A 114 -0.68 -13.70 -5.83
CA ILE A 114 -0.71 -12.46 -5.06
C ILE A 114 -2.17 -12.20 -4.65
N TRP A 115 -2.39 -11.95 -3.37
CA TRP A 115 -3.73 -11.82 -2.82
C TRP A 115 -3.83 -10.49 -2.10
N GLY A 116 -4.96 -9.81 -2.28
CA GLY A 116 -5.27 -8.69 -1.43
C GLY A 116 -5.57 -9.08 0.02
N GLN A 117 -5.59 -8.04 0.85
CA GLN A 117 -6.03 -8.16 2.24
C GLN A 117 -7.45 -8.66 2.36
N GLY A 118 -8.30 -8.36 1.39
CA GLY A 118 -9.72 -8.58 1.59
C GLY A 118 -10.42 -7.33 2.09
N THR A 119 -11.72 -7.25 1.76
CA THR A 119 -12.55 -6.15 2.21
C THR A 119 -13.96 -6.72 2.40
N MET A 120 -14.60 -6.34 3.50
CA MET A 120 -15.84 -6.99 3.92
C MET A 120 -17.05 -6.32 3.30
N VAL A 121 -17.96 -7.15 2.79
CA VAL A 121 -19.19 -6.70 2.16
C VAL A 121 -20.33 -7.35 2.90
N THR A 122 -21.21 -6.55 3.49
CA THR A 122 -22.36 -7.09 4.19
C THR A 122 -23.62 -6.59 3.51
N VAL A 123 -24.43 -7.51 3.04
CA VAL A 123 -25.71 -7.20 2.43
C VAL A 123 -26.78 -7.64 3.41
N SER A 124 -27.40 -6.67 4.06
CA SER A 124 -28.41 -6.93 5.07
C SER A 124 -29.35 -5.73 5.10
N SER A 125 -30.61 -6.01 5.38
CA SER A 125 -31.59 -4.95 5.62
C SER A 125 -31.73 -4.59 7.09
N ALA A 126 -30.96 -5.23 7.97
CA ALA A 126 -31.06 -4.93 9.40
C ALA A 126 -30.72 -3.48 9.69
N SER A 127 -31.25 -3.00 10.79
CA SER A 127 -30.96 -1.67 11.32
C SER A 127 -30.06 -1.83 12.53
N THR A 128 -29.31 -0.79 12.84
CA THR A 128 -28.66 -0.71 14.14
C THR A 128 -29.70 -0.94 15.22
N LYS A 129 -29.42 -1.90 16.11
CA LYS A 129 -30.37 -2.31 17.14
C LYS A 129 -29.64 -2.85 18.36
N GLY A 130 -30.00 -2.33 19.53
CA GLY A 130 -29.44 -2.80 20.78
C GLY A 130 -30.02 -4.13 21.24
N PRO A 131 -29.25 -4.87 22.01
CA PRO A 131 -29.70 -6.20 22.43
C PRO A 131 -30.70 -6.15 23.57
N SER A 132 -31.51 -7.19 23.64
CA SER A 132 -32.22 -7.57 24.84
C SER A 132 -31.32 -8.49 25.65
N VAL A 133 -31.24 -8.27 26.97
CA VAL A 133 -30.36 -9.07 27.84
C VAL A 133 -31.21 -9.89 28.79
N PHE A 134 -30.95 -11.19 28.83
CA PHE A 134 -31.73 -12.09 29.67
C PHE A 134 -30.80 -12.87 30.58
N PRO A 135 -31.10 -12.97 31.86
CA PRO A 135 -30.33 -13.84 32.75
C PRO A 135 -30.62 -15.29 32.48
N LEU A 136 -29.58 -16.12 32.58
CA LEU A 136 -29.71 -17.58 32.51
C LEU A 136 -29.38 -18.14 33.90
N ALA A 137 -30.43 -18.25 34.72
CA ALA A 137 -30.27 -18.75 36.09
C ALA A 137 -29.72 -20.18 36.11
N PRO A 138 -28.87 -20.52 37.07
CA PRO A 138 -28.49 -21.92 37.32
C PRO A 138 -29.62 -22.71 38.00
N GLY A 145 -23.77 -30.55 42.66
CA GLY A 145 -22.32 -30.63 42.55
C GLY A 145 -21.59 -29.42 43.13
N GLY A 146 -20.29 -29.34 42.90
CA GLY A 146 -19.50 -28.25 43.46
C GLY A 146 -19.65 -26.88 42.79
N THR A 147 -19.98 -26.84 41.49
CA THR A 147 -20.00 -25.59 40.73
C THR A 147 -21.31 -25.38 40.00
N ALA A 148 -21.76 -24.12 39.95
CA ALA A 148 -22.95 -23.71 39.22
C ALA A 148 -22.56 -22.87 38.01
N ALA A 149 -23.20 -23.12 36.87
CA ALA A 149 -23.03 -22.32 35.67
C ALA A 149 -24.19 -21.34 35.53
N LEU A 150 -23.87 -20.06 35.36
CA LEU A 150 -24.92 -19.05 35.21
C LEU A 150 -24.53 -18.06 34.11
N GLY A 151 -25.53 -17.42 33.51
CA GLY A 151 -25.27 -16.81 32.21
C GLY A 151 -26.07 -15.57 31.91
N CYS A 152 -25.69 -14.93 30.80
CA CYS A 152 -26.44 -13.86 30.16
C CYS A 152 -26.58 -14.11 28.66
N LEU A 153 -27.82 -14.05 28.21
CA LEU A 153 -28.19 -14.11 26.80
C LEU A 153 -28.30 -12.69 26.27
N VAL A 154 -27.44 -12.35 25.31
CA VAL A 154 -27.42 -11.03 24.69
C VAL A 154 -28.04 -11.20 23.30
N LYS A 155 -29.32 -10.87 23.17
CA LYS A 155 -30.16 -11.33 22.06
C LYS A 155 -30.49 -10.20 21.08
N ASP A 156 -30.31 -10.51 19.78
CA ASP A 156 -30.86 -9.74 18.66
C ASP A 156 -30.31 -8.33 18.58
N TYR A 157 -28.98 -8.18 18.43
CA TYR A 157 -28.36 -6.88 18.27
C TYR A 157 -27.74 -6.79 16.87
N PHE A 158 -27.47 -5.55 16.45
CA PHE A 158 -26.83 -5.26 15.18
C PHE A 158 -26.25 -3.85 15.21
N PRO A 159 -25.03 -3.65 14.72
CA PRO A 159 -24.12 -4.71 14.27
C PRO A 159 -23.25 -5.19 15.42
N GLU A 160 -22.28 -6.04 15.11
CA GLU A 160 -21.21 -6.37 16.04
C GLU A 160 -20.34 -5.13 16.29
N PRO A 161 -19.65 -5.06 17.44
CA PRO A 161 -19.60 -6.08 18.50
C PRO A 161 -20.38 -5.68 19.74
N VAL A 162 -20.38 -6.57 20.72
CA VAL A 162 -20.94 -6.26 22.03
C VAL A 162 -19.87 -6.65 23.06
N THR A 163 -19.78 -5.86 24.12
CA THR A 163 -18.92 -6.15 25.26
C THR A 163 -19.74 -6.74 26.41
N VAL A 164 -19.24 -7.85 26.97
CA VAL A 164 -19.82 -8.46 28.16
C VAL A 164 -18.76 -8.52 29.26
N SER A 165 -19.16 -8.13 30.47
CA SER A 165 -18.35 -8.33 31.64
C SER A 165 -19.25 -8.77 32.79
N TRP A 166 -18.62 -9.26 33.86
CA TRP A 166 -19.34 -9.68 35.05
C TRP A 166 -18.88 -8.89 36.26
N ASN A 167 -19.85 -8.49 37.08
CA ASN A 167 -19.62 -7.69 38.28
C ASN A 167 -18.70 -6.50 37.99
N SER A 168 -19.05 -5.75 36.93
CA SER A 168 -18.36 -4.53 36.50
C SER A 168 -16.90 -4.77 36.11
N GLY A 169 -16.54 -5.99 35.76
CA GLY A 169 -15.16 -6.30 35.42
C GLY A 169 -14.37 -6.97 36.53
N ALA A 170 -14.90 -7.04 37.75
CA ALA A 170 -14.21 -7.70 38.86
C ALA A 170 -14.27 -9.23 38.79
N LEU A 171 -15.26 -9.80 38.10
CA LEU A 171 -15.39 -11.25 37.97
C LEU A 171 -14.95 -11.64 36.57
N THR A 172 -13.74 -12.19 36.43
CA THR A 172 -13.29 -12.70 35.15
C THR A 172 -12.86 -14.15 35.20
N SER A 173 -12.64 -14.70 36.38
CA SER A 173 -12.22 -16.09 36.49
C SER A 173 -13.42 -17.00 36.28
N GLY A 174 -13.31 -17.92 35.33
CA GLY A 174 -14.41 -18.82 35.03
C GLY A 174 -15.42 -18.26 34.05
N VAL A 175 -15.15 -17.10 33.45
CA VAL A 175 -16.03 -16.45 32.50
C VAL A 175 -15.69 -16.96 31.11
N HIS A 176 -16.68 -17.50 30.40
CA HIS A 176 -16.49 -17.81 28.97
C HIS A 176 -17.53 -17.01 28.20
N THR A 177 -17.12 -16.00 27.44
CA THR A 177 -18.06 -15.29 26.58
C THR A 177 -17.95 -15.87 25.16
N PHE A 178 -19.12 -16.25 24.56
CA PHE A 178 -19.00 -17.02 23.31
C PHE A 178 -19.15 -16.13 22.08
N PRO A 179 -18.44 -16.40 20.99
CA PRO A 179 -18.67 -15.62 19.75
C PRO A 179 -20.13 -15.63 19.36
N ALA A 180 -20.56 -14.60 18.64
CA ALA A 180 -21.98 -14.49 18.33
C ALA A 180 -22.39 -15.41 17.20
N VAL A 181 -23.69 -15.66 17.12
CA VAL A 181 -24.30 -16.35 15.99
C VAL A 181 -25.13 -15.32 15.23
N LEU A 182 -25.41 -15.61 13.96
CA LEU A 182 -26.21 -14.74 13.12
C LEU A 182 -27.49 -15.47 12.75
N GLN A 183 -28.62 -14.81 12.91
CA GLN A 183 -29.91 -15.44 12.64
C GLN A 183 -30.43 -15.06 11.26
N SER A 184 -31.47 -15.78 10.84
CA SER A 184 -32.14 -15.47 9.58
C SER A 184 -32.65 -14.05 9.56
N SER A 185 -33.02 -13.52 10.72
CA SER A 185 -33.49 -12.14 10.84
C SER A 185 -32.43 -11.13 10.47
N GLY A 186 -31.16 -11.55 10.36
CA GLY A 186 -30.06 -10.63 10.19
C GLY A 186 -29.44 -10.12 11.48
N LEU A 187 -30.02 -10.43 12.64
CA LEU A 187 -29.53 -9.98 13.95
C LEU A 187 -28.64 -11.03 14.59
N TYR A 188 -27.73 -10.55 15.45
CA TYR A 188 -26.79 -11.37 16.22
C TYR A 188 -27.29 -11.65 17.63
N SER A 189 -26.84 -12.78 18.18
CA SER A 189 -26.99 -13.10 19.59
C SER A 189 -25.71 -13.79 20.07
N LEU A 190 -25.36 -13.58 21.33
CA LEU A 190 -24.29 -14.36 21.96
C LEU A 190 -24.63 -14.58 23.43
N SER A 191 -23.79 -15.34 24.13
CA SER A 191 -23.99 -15.55 25.56
C SER A 191 -22.67 -15.52 26.31
N SER A 192 -22.75 -15.20 27.58
CA SER A 192 -21.63 -15.31 28.51
C SER A 192 -22.03 -16.19 29.68
N VAL A 193 -21.15 -17.12 30.08
CA VAL A 193 -21.41 -17.92 31.27
C VAL A 193 -20.23 -17.84 32.23
N VAL A 194 -20.56 -17.87 33.52
CA VAL A 194 -19.57 -17.91 34.57
C VAL A 194 -19.83 -19.15 35.41
N THR A 195 -18.80 -19.96 35.61
CA THR A 195 -18.81 -21.04 36.60
C THR A 195 -18.38 -20.47 37.95
N VAL A 196 -19.26 -20.55 38.93
CA VAL A 196 -18.94 -20.06 40.28
C VAL A 196 -19.15 -21.22 41.25
N PRO A 197 -18.47 -21.19 42.40
CA PRO A 197 -18.75 -22.18 43.44
C PRO A 197 -20.21 -22.11 43.84
N SER A 198 -20.86 -23.27 43.87
CA SER A 198 -22.28 -23.28 44.20
C SER A 198 -22.54 -23.05 45.68
N SER A 199 -21.52 -23.15 46.53
CA SER A 199 -21.65 -22.75 47.93
C SER A 199 -21.84 -21.23 48.08
N SER A 200 -21.56 -20.45 47.05
CA SER A 200 -21.60 -19.00 47.13
C SER A 200 -22.93 -18.43 46.65
N LEU A 201 -23.84 -19.27 46.17
CA LEU A 201 -25.01 -18.76 45.46
C LEU A 201 -26.01 -18.07 46.38
N GLY A 202 -25.84 -18.19 47.70
CA GLY A 202 -26.75 -17.53 48.60
C GLY A 202 -26.17 -16.24 49.15
N THR A 203 -24.85 -16.10 49.03
CA THR A 203 -24.15 -14.99 49.64
C THR A 203 -23.61 -13.95 48.66
N GLN A 204 -23.12 -14.35 47.49
CA GLN A 204 -22.50 -13.41 46.55
C GLN A 204 -23.42 -13.16 45.36
N THR A 205 -23.44 -11.93 44.88
CA THR A 205 -24.29 -11.53 43.77
C THR A 205 -23.52 -11.57 42.45
N TYR A 206 -24.27 -11.78 41.37
CA TYR A 206 -23.72 -11.92 40.03
C TYR A 206 -24.51 -11.04 39.08
N ILE A 207 -23.82 -10.08 38.48
CA ILE A 207 -24.43 -9.15 37.52
C ILE A 207 -23.60 -9.20 36.25
N CYS A 208 -24.27 -9.36 35.11
CA CYS A 208 -23.54 -9.23 33.87
C CYS A 208 -23.81 -7.84 33.31
N ASN A 209 -22.79 -7.30 32.66
CA ASN A 209 -22.82 -5.94 32.14
C ASN A 209 -22.62 -6.06 30.64
N VAL A 210 -23.55 -5.51 29.88
CA VAL A 210 -23.54 -5.61 28.43
C VAL A 210 -23.43 -4.20 27.86
N ASN A 211 -22.47 -3.99 26.98
CA ASN A 211 -22.27 -2.71 26.32
C ASN A 211 -22.31 -2.94 24.81
N HIS A 212 -23.23 -2.26 24.14
CA HIS A 212 -23.35 -2.29 22.69
C HIS A 212 -23.21 -0.85 22.23
N LYS A 213 -21.98 -0.45 21.89
CA LYS A 213 -21.72 0.94 21.53
C LYS A 213 -22.50 1.43 20.33
N PRO A 214 -22.66 0.70 19.22
CA PRO A 214 -23.39 1.27 18.08
C PRO A 214 -24.77 1.78 18.45
N SER A 215 -25.42 1.19 19.45
CA SER A 215 -26.76 1.65 19.83
C SER A 215 -26.77 2.42 21.15
N ASN A 216 -25.61 2.82 21.67
CA ASN A 216 -25.49 3.49 22.97
C ASN A 216 -26.24 2.74 24.09
N THR A 217 -26.16 1.41 24.08
CA THR A 217 -26.98 0.54 24.94
C THR A 217 -26.09 -0.08 26.02
N LYS A 218 -26.37 0.24 27.28
CA LYS A 218 -25.66 -0.33 28.42
C LYS A 218 -26.67 -0.95 29.37
N VAL A 219 -26.51 -2.24 29.66
CA VAL A 219 -27.48 -2.96 30.47
C VAL A 219 -26.74 -3.75 31.52
N ASP A 220 -27.30 -3.77 32.73
CA ASP A 220 -26.87 -4.61 33.84
C ASP A 220 -28.00 -5.57 34.20
N LYS A 221 -27.68 -6.84 34.41
CA LYS A 221 -28.70 -7.82 34.74
C LYS A 221 -28.19 -8.73 35.86
N LYS A 222 -28.92 -8.75 36.98
CA LYS A 222 -28.61 -9.65 38.08
C LYS A 222 -29.05 -11.06 37.70
N VAL A 223 -28.17 -12.03 37.89
CA VAL A 223 -28.43 -13.43 37.55
C VAL A 223 -28.59 -14.20 38.86
N GLU A 224 -29.83 -14.63 39.14
CA GLU A 224 -30.25 -15.29 40.37
C GLU A 224 -30.88 -16.65 40.09
N PRO A 225 -30.70 -17.64 40.99
CA PRO A 225 -31.30 -19.00 40.97
C PRO A 225 -32.80 -19.08 40.60
N LEU B 1 -15.67 -28.53 -5.69
CA LEU B 1 -14.78 -29.70 -5.54
C LEU B 1 -14.89 -30.23 -4.13
N THR B 2 -14.69 -31.54 -3.99
CA THR B 2 -15.00 -32.23 -2.75
C THR B 2 -13.71 -32.57 -2.01
N GLN B 3 -13.55 -31.98 -0.82
CA GLN B 3 -12.46 -32.19 0.12
C GLN B 3 -13.02 -32.72 1.44
N PRO B 4 -12.26 -33.53 2.18
CA PRO B 4 -12.68 -33.87 3.55
C PRO B 4 -12.78 -32.62 4.42
N ALA B 5 -13.79 -32.56 5.27
CA ALA B 5 -13.93 -31.40 6.14
C ALA B 5 -12.77 -31.28 7.14
N SER B 6 -12.22 -32.41 7.60
CA SER B 6 -11.22 -32.41 8.66
C SER B 6 -10.14 -33.43 8.35
N VAL B 7 -8.93 -33.16 8.81
CA VAL B 7 -7.81 -34.10 8.75
C VAL B 7 -6.93 -33.87 9.99
N SER B 8 -6.49 -34.96 10.61
CA SER B 8 -5.71 -34.94 11.84
C SER B 8 -4.34 -35.57 11.64
N GLY B 9 -3.33 -35.01 12.30
CA GLY B 9 -2.02 -35.62 12.32
C GLY B 9 -1.22 -35.13 13.50
N SER B 10 -0.39 -36.02 14.05
CA SER B 10 0.54 -35.69 15.12
C SER B 10 1.80 -35.05 14.55
N PRO B 11 2.50 -34.23 15.33
CA PRO B 11 3.75 -33.64 14.85
C PRO B 11 4.70 -34.70 14.33
N GLY B 12 5.36 -34.41 13.20
CA GLY B 12 6.26 -35.33 12.56
C GLY B 12 5.59 -36.36 11.66
N GLN B 13 4.29 -36.52 11.75
CA GLN B 13 3.59 -37.49 10.92
C GLN B 13 3.43 -36.92 9.51
N SER B 14 2.95 -37.76 8.59
CA SER B 14 2.60 -37.35 7.24
C SER B 14 1.10 -37.50 7.06
N ILE B 15 0.46 -36.48 6.45
CA ILE B 15 -0.96 -36.51 6.10
C ILE B 15 -1.12 -36.38 4.60
N THR B 16 -2.34 -36.67 4.17
CA THR B 16 -2.75 -36.47 2.79
C THR B 16 -4.14 -35.84 2.82
N ILE B 17 -4.41 -34.96 1.86
CA ILE B 17 -5.68 -34.23 1.78
C ILE B 17 -6.15 -34.31 0.34
N SER B 18 -7.31 -34.91 0.13
CA SER B 18 -7.79 -35.20 -1.21
C SER B 18 -8.74 -34.11 -1.69
N CYS B 19 -8.92 -34.07 -3.02
CA CYS B 19 -9.72 -33.02 -3.65
C CYS B 19 -10.31 -33.64 -4.92
N THR B 20 -11.61 -33.96 -4.88
CA THR B 20 -12.24 -34.69 -5.97
C THR B 20 -13.16 -33.78 -6.77
N GLY B 21 -12.86 -33.63 -8.07
CA GLY B 21 -13.70 -32.92 -9.00
C GLY B 21 -14.28 -33.86 -10.04
N THR B 22 -14.50 -33.38 -11.25
CA THR B 22 -15.07 -34.20 -12.31
C THR B 22 -14.17 -34.21 -13.55
N SER B 23 -14.56 -35.05 -14.51
CA SER B 23 -13.90 -35.10 -15.81
C SER B 23 -13.84 -33.73 -16.45
N SER B 24 -14.70 -32.81 -15.99
CA SER B 24 -14.67 -31.43 -16.41
C SER B 24 -13.70 -30.57 -15.59
N ASP B 25 -13.18 -31.07 -14.43
CA ASP B 25 -12.44 -30.20 -13.53
C ASP B 25 -11.04 -30.77 -13.44
N VAL B 26 -10.70 -31.36 -12.28
CA VAL B 26 -9.44 -32.05 -12.04
C VAL B 26 -9.09 -33.04 -13.14
N GLY B 27 -10.10 -33.67 -13.76
CA GLY B 27 -9.83 -34.75 -14.70
C GLY B 27 -9.30 -34.28 -16.05
N SER B 28 -9.76 -33.12 -16.53
CA SER B 28 -9.44 -32.66 -17.88
C SER B 28 -8.15 -31.84 -17.99
N TYR B 29 -7.64 -31.30 -16.88
CA TYR B 29 -6.56 -30.33 -16.94
C TYR B 29 -5.53 -30.62 -15.86
N ASN B 30 -4.31 -30.15 -16.11
CA ASN B 30 -3.25 -30.19 -15.10
C ASN B 30 -3.08 -28.81 -14.46
N LEU B 31 -4.19 -28.21 -14.04
CA LEU B 31 -4.16 -26.88 -13.46
C LEU B 31 -4.75 -26.87 -12.05
N VAL B 32 -4.31 -27.79 -11.20
CA VAL B 32 -4.75 -27.82 -9.81
C VAL B 32 -3.79 -26.97 -8.99
N SER B 33 -4.35 -26.15 -8.09
CA SER B 33 -3.53 -25.41 -7.14
C SER B 33 -4.08 -25.61 -5.74
N TRP B 34 -3.23 -25.34 -4.74
CA TRP B 34 -3.60 -25.53 -3.35
C TRP B 34 -3.28 -24.26 -2.60
N TYR B 35 -4.05 -24.02 -1.54
CA TYR B 35 -3.90 -22.79 -0.76
C TYR B 35 -3.98 -23.12 0.72
N GLN B 36 -3.12 -22.46 1.48
CA GLN B 36 -3.13 -22.50 2.93
C GLN B 36 -3.74 -21.20 3.45
N GLN B 37 -4.69 -21.30 4.39
CA GLN B 37 -5.30 -20.12 5.00
C GLN B 37 -5.35 -20.28 6.50
N ARG B 38 -4.82 -19.27 7.24
CA ARG B 38 -4.83 -19.05 8.68
C ARG B 38 -5.93 -18.07 9.07
N PRO B 39 -6.48 -18.22 10.28
CA PRO B 39 -7.61 -17.39 10.70
C PRO B 39 -7.36 -15.90 10.49
N GLY B 40 -8.32 -15.23 9.87
CA GLY B 40 -8.20 -13.81 9.65
C GLY B 40 -7.21 -13.40 8.57
N LYS B 41 -6.63 -14.35 7.84
CA LYS B 41 -5.62 -14.01 6.86
C LYS B 41 -6.04 -14.46 5.47
N ALA B 42 -5.39 -13.88 4.47
CA ALA B 42 -5.67 -14.22 3.10
C ALA B 42 -5.07 -15.59 2.76
N PRO B 43 -5.62 -16.26 1.75
CA PRO B 43 -5.02 -17.52 1.31
C PRO B 43 -3.59 -17.31 0.78
N LYS B 44 -2.77 -18.33 0.96
CA LYS B 44 -1.39 -18.37 0.47
C LYS B 44 -1.23 -19.55 -0.47
N LEU B 45 -0.69 -19.28 -1.66
CA LEU B 45 -0.46 -20.32 -2.66
C LEU B 45 0.69 -21.23 -2.21
N ILE B 46 0.49 -22.54 -2.30
CA ILE B 46 1.53 -23.50 -1.96
C ILE B 46 1.77 -24.55 -3.04
N LEU B 47 0.86 -24.76 -3.99
CA LEU B 47 1.08 -25.68 -5.10
C LEU B 47 0.30 -25.14 -6.29
N TYR B 48 0.86 -25.29 -7.48
CA TYR B 48 0.14 -24.98 -8.71
C TYR B 48 0.64 -25.91 -9.81
N GLU B 49 -0.11 -25.96 -10.90
CA GLU B 49 0.09 -26.97 -11.93
C GLU B 49 0.27 -28.36 -11.30
N VAL B 50 -0.66 -28.70 -10.39
CA VAL B 50 -0.71 -30.00 -9.72
C VAL B 50 0.45 -30.17 -8.73
N THR B 51 1.70 -29.97 -9.19
CA THR B 51 2.88 -30.41 -8.42
C THR B 51 3.93 -29.35 -8.11
N LYS B 52 3.85 -28.15 -8.68
CA LYS B 52 4.96 -27.20 -8.54
C LYS B 52 4.78 -26.33 -7.30
N ARG B 53 5.92 -26.00 -6.65
CA ARG B 53 5.93 -25.19 -5.42
C ARG B 53 6.39 -23.78 -5.73
N PRO B 54 5.70 -22.75 -5.26
CA PRO B 54 6.27 -21.40 -5.31
C PRO B 54 7.59 -21.33 -4.54
N SER B 55 8.46 -20.43 -4.98
CA SER B 55 9.65 -20.08 -4.22
C SER B 55 9.28 -19.74 -2.77
N GLY B 56 9.92 -20.43 -1.83
CA GLY B 56 9.67 -20.20 -0.43
C GLY B 56 8.75 -21.21 0.23
N VAL B 57 8.06 -22.04 -0.53
CA VAL B 57 7.23 -23.09 0.05
C VAL B 57 8.11 -24.30 0.28
N SER B 58 8.09 -24.82 1.50
CA SER B 58 8.88 -25.98 1.88
C SER B 58 8.46 -27.20 1.09
N ASN B 59 9.46 -28.03 0.68
CA ASN B 59 9.18 -29.28 -0.03
C ASN B 59 8.61 -30.39 0.88
N ARG B 60 8.28 -30.09 2.14
CA ARG B 60 7.36 -30.95 2.88
C ARG B 60 5.98 -31.00 2.24
N PHE B 61 5.64 -29.99 1.42
CA PHE B 61 4.37 -29.92 0.72
C PHE B 61 4.56 -30.43 -0.70
N SER B 62 3.72 -31.38 -1.10
CA SER B 62 3.80 -31.92 -2.46
C SER B 62 2.39 -32.26 -2.94
N GLY B 63 2.23 -32.26 -4.26
CA GLY B 63 0.92 -32.46 -4.86
C GLY B 63 0.95 -33.50 -5.96
N SER B 64 -0.21 -34.11 -6.18
CA SER B 64 -0.36 -35.10 -7.24
C SER B 64 -1.81 -35.10 -7.72
N LYS B 65 -2.05 -35.83 -8.79
CA LYS B 65 -3.35 -35.97 -9.43
C LYS B 65 -3.50 -37.41 -9.89
N SER B 66 -4.71 -37.96 -9.78
CA SER B 66 -5.00 -39.28 -10.33
C SER B 66 -6.47 -39.34 -10.67
N GLY B 67 -6.78 -39.45 -11.95
CA GLY B 67 -8.17 -39.41 -12.37
C GLY B 67 -8.77 -38.06 -12.06
N ASN B 68 -9.89 -38.06 -11.34
CA ASN B 68 -10.60 -36.84 -10.97
C ASN B 68 -10.23 -36.36 -9.58
N THR B 69 -9.17 -36.89 -8.99
CA THR B 69 -8.83 -36.58 -7.61
C THR B 69 -7.39 -36.10 -7.52
N ALA B 70 -7.21 -34.90 -6.99
CA ALA B 70 -5.89 -34.39 -6.63
C ALA B 70 -5.64 -34.62 -5.15
N SER B 71 -4.37 -34.59 -4.76
CA SER B 71 -4.00 -34.83 -3.38
C SER B 71 -2.90 -33.88 -2.96
N LEU B 72 -2.97 -33.46 -1.71
CA LEU B 72 -1.95 -32.65 -1.09
C LEU B 72 -1.36 -33.47 0.04
N ALA B 73 -0.04 -33.59 0.07
CA ALA B 73 0.65 -34.36 1.09
C ALA B 73 1.56 -33.43 1.88
N ILE B 74 1.51 -33.52 3.20
CA ILE B 74 2.39 -32.76 4.08
C ILE B 74 3.15 -33.74 4.95
N SER B 75 4.47 -33.67 4.90
CA SER B 75 5.34 -34.52 5.71
C SER B 75 5.97 -33.69 6.83
N GLY B 76 6.54 -34.38 7.81
CA GLY B 76 7.18 -33.69 8.91
C GLY B 76 6.27 -32.65 9.53
N LEU B 77 5.02 -33.05 9.78
CA LEU B 77 3.96 -32.11 10.12
C LEU B 77 4.34 -31.28 11.34
N GLN B 78 4.30 -29.96 11.18
CA GLN B 78 4.65 -28.99 12.22
C GLN B 78 3.40 -28.30 12.73
N ALA B 79 3.55 -27.63 13.87
CA ALA B 79 2.41 -26.95 14.48
C ALA B 79 1.86 -25.87 13.57
N GLU B 80 2.75 -25.21 12.82
CA GLU B 80 2.43 -24.12 11.93
C GLU B 80 1.58 -24.53 10.75
N ASP B 81 1.45 -25.84 10.47
CA ASP B 81 0.60 -26.33 9.38
C ASP B 81 -0.87 -26.45 9.75
N GLU B 82 -1.22 -26.31 11.04
CA GLU B 82 -2.62 -26.21 11.43
C GLU B 82 -3.23 -24.99 10.75
N ALA B 83 -4.16 -25.22 9.82
CA ALA B 83 -4.74 -24.17 8.99
C ALA B 83 -5.82 -24.80 8.14
N ASP B 84 -6.48 -23.98 7.32
CA ASP B 84 -7.40 -24.47 6.30
C ASP B 84 -6.67 -24.63 4.98
N TYR B 85 -7.04 -25.66 4.22
CA TYR B 85 -6.42 -25.92 2.93
C TYR B 85 -7.50 -26.06 1.88
N TYR B 86 -7.28 -25.41 0.74
CA TYR B 86 -8.22 -25.33 -0.37
C TYR B 86 -7.53 -25.79 -1.63
N CYS B 87 -8.16 -26.70 -2.36
CA CYS B 87 -7.73 -26.98 -3.72
C CYS B 87 -8.51 -26.08 -4.67
N CYS B 88 -7.97 -25.94 -5.88
CA CYS B 88 -8.62 -25.14 -6.91
C CYS B 88 -8.27 -25.78 -8.24
N SER B 89 -9.19 -25.65 -9.21
CA SER B 89 -8.95 -26.22 -10.52
C SER B 89 -9.56 -25.31 -11.57
N TYR B 90 -8.87 -25.20 -12.71
CA TYR B 90 -9.51 -24.77 -13.94
C TYR B 90 -10.76 -25.61 -14.17
N ALA B 91 -11.84 -24.95 -14.59
CA ALA B 91 -13.13 -25.58 -14.82
C ALA B 91 -13.60 -25.38 -16.25
N GLY B 92 -12.68 -25.16 -17.19
CA GLY B 92 -13.05 -24.93 -18.58
C GLY B 92 -13.52 -23.52 -18.87
N SER B 93 -13.21 -23.04 -20.08
CA SER B 93 -13.72 -21.78 -20.61
C SER B 93 -13.40 -20.60 -19.70
N SER B 94 -12.13 -20.51 -19.27
CA SER B 94 -11.62 -19.37 -18.50
C SER B 94 -12.32 -19.20 -17.14
N THR B 95 -12.87 -20.26 -16.56
CA THR B 95 -13.47 -20.20 -15.23
C THR B 95 -12.66 -21.05 -14.25
N TRP B 96 -12.90 -20.84 -12.95
CA TRP B 96 -12.14 -21.51 -11.91
C TRP B 96 -13.10 -21.96 -10.80
N VAL B 97 -12.75 -23.08 -10.15
CA VAL B 97 -13.59 -23.65 -9.11
C VAL B 97 -12.73 -24.13 -7.94
N PHE B 98 -13.10 -23.71 -6.72
CA PHE B 98 -12.44 -24.10 -5.48
C PHE B 98 -13.12 -25.30 -4.84
N GLY B 99 -12.33 -26.08 -4.10
CA GLY B 99 -12.90 -27.04 -3.19
C GLY B 99 -13.44 -26.38 -1.93
N GLY B 100 -14.22 -27.15 -1.18
CA GLY B 100 -14.88 -26.65 0.01
C GLY B 100 -13.97 -26.36 1.19
N GLY B 101 -12.73 -26.84 1.16
CA GLY B 101 -11.83 -26.57 2.26
C GLY B 101 -11.70 -27.75 3.20
N THR B 102 -10.50 -27.91 3.76
CA THR B 102 -10.19 -28.95 4.74
C THR B 102 -9.47 -28.30 5.89
N LYS B 103 -9.94 -28.56 7.10
CA LYS B 103 -9.31 -28.03 8.30
C LYS B 103 -8.29 -29.05 8.82
N LEU B 104 -7.01 -28.71 8.76
CA LEU B 104 -5.96 -29.59 9.23
C LEU B 104 -5.65 -29.27 10.69
N THR B 105 -5.71 -30.29 11.54
CA THR B 105 -5.33 -30.17 12.94
C THR B 105 -4.01 -30.90 13.17
N VAL B 106 -3.09 -30.23 13.84
CA VAL B 106 -1.84 -30.83 14.30
C VAL B 106 -2.03 -31.17 15.77
N LEU B 107 -2.19 -32.46 16.08
CA LEU B 107 -2.61 -32.87 17.42
C LEU B 107 -1.55 -32.45 18.45
N GLY B 108 -1.95 -31.66 19.43
CA GLY B 108 -1.01 -31.15 20.41
C GLY B 108 -1.44 -31.40 21.85
N GLN B 109 -2.43 -32.25 22.02
CA GLN B 109 -2.99 -32.63 23.31
C GLN B 109 -4.01 -33.73 23.06
N PRO B 110 -4.34 -34.53 24.08
CA PRO B 110 -5.22 -35.68 23.83
C PRO B 110 -6.63 -35.22 23.44
N LYS B 111 -7.35 -36.11 22.75
CA LYS B 111 -8.72 -35.84 22.33
C LYS B 111 -9.61 -35.58 23.55
N ALA B 112 -10.57 -34.66 23.39
CA ALA B 112 -11.43 -34.29 24.50
C ALA B 112 -12.86 -34.13 24.04
N ALA B 113 -13.78 -34.72 24.79
CA ALA B 113 -15.18 -34.64 24.45
C ALA B 113 -15.75 -33.29 24.89
N PRO B 114 -16.78 -32.79 24.22
CA PRO B 114 -17.31 -31.47 24.56
C PRO B 114 -18.01 -31.49 25.91
N SER B 115 -17.91 -30.37 26.60
CA SER B 115 -18.68 -30.11 27.81
C SER B 115 -19.87 -29.24 27.42
N VAL B 116 -21.08 -29.64 27.82
CA VAL B 116 -22.30 -29.05 27.29
C VAL B 116 -23.15 -28.49 28.42
N THR B 117 -23.56 -27.22 28.28
CA THR B 117 -24.50 -26.58 29.20
C THR B 117 -25.73 -26.10 28.43
N LEU B 118 -26.91 -26.54 28.84
CA LEU B 118 -28.14 -26.17 28.17
C LEU B 118 -29.00 -25.34 29.13
N PHE B 119 -29.38 -24.15 28.69
CA PHE B 119 -30.22 -23.21 29.40
C PHE B 119 -31.58 -23.12 28.74
N PRO B 120 -32.66 -23.16 29.52
CA PRO B 120 -34.00 -22.99 28.97
C PRO B 120 -34.35 -21.52 28.88
N PRO B 121 -35.49 -21.15 28.29
CA PRO B 121 -35.84 -19.73 28.20
C PRO B 121 -36.01 -19.12 29.58
N SER B 122 -35.53 -17.90 29.73
CA SER B 122 -35.72 -17.18 30.98
C SER B 122 -37.17 -16.73 31.14
N SER B 123 -37.55 -16.47 32.39
CA SER B 123 -38.86 -15.87 32.68
C SER B 123 -39.06 -14.58 31.90
N GLU B 124 -38.09 -13.66 31.97
CA GLU B 124 -38.26 -12.39 31.26
C GLU B 124 -38.43 -12.58 29.76
N GLU B 125 -37.67 -13.51 29.16
CA GLU B 125 -37.85 -13.69 27.73
C GLU B 125 -39.26 -14.20 27.42
N LEU B 126 -39.76 -15.14 28.24
CA LEU B 126 -41.11 -15.66 28.04
C LEU B 126 -42.14 -14.55 28.22
N GLN B 127 -41.98 -13.73 29.25
CA GLN B 127 -42.87 -12.59 29.45
C GLN B 127 -42.86 -11.61 28.27
N ALA B 128 -41.89 -11.70 27.35
CA ALA B 128 -41.90 -10.90 26.13
C ALA B 128 -42.34 -11.69 24.90
N ASN B 129 -43.02 -12.82 25.11
CA ASN B 129 -43.58 -13.63 24.02
C ASN B 129 -42.52 -14.16 23.08
N LYS B 130 -41.34 -14.45 23.63
CA LYS B 130 -40.24 -15.05 22.90
C LYS B 130 -39.66 -16.16 23.76
N ALA B 131 -38.87 -17.03 23.12
CA ALA B 131 -38.18 -18.09 23.84
C ALA B 131 -36.97 -18.51 23.03
N THR B 132 -35.84 -18.69 23.71
CA THR B 132 -34.59 -19.15 23.11
C THR B 132 -34.01 -20.22 24.01
N LEU B 133 -33.57 -21.32 23.41
CA LEU B 133 -32.74 -22.32 24.07
C LEU B 133 -31.28 -22.06 23.70
N VAL B 134 -30.40 -22.19 24.69
CA VAL B 134 -29.00 -21.78 24.59
C VAL B 134 -28.12 -22.98 24.94
N CYS B 135 -27.40 -23.51 23.97
CA CYS B 135 -26.59 -24.68 24.17
C CYS B 135 -25.12 -24.29 23.96
N LEU B 136 -24.37 -24.20 25.07
CA LEU B 136 -22.98 -23.75 25.07
C LEU B 136 -22.07 -24.95 25.23
N ILE B 137 -21.04 -25.02 24.38
CA ILE B 137 -20.26 -26.23 24.16
C ILE B 137 -18.79 -25.88 24.33
N SER B 138 -18.13 -26.53 25.28
CA SER B 138 -16.80 -26.15 25.71
C SER B 138 -15.83 -27.33 25.75
N ASP B 139 -14.54 -26.98 25.66
CA ASP B 139 -13.42 -27.86 25.99
C ASP B 139 -13.31 -29.06 25.06
N PHE B 140 -13.62 -28.92 23.77
CA PHE B 140 -13.47 -30.06 22.90
C PHE B 140 -12.24 -29.90 22.01
N TYR B 141 -11.69 -31.04 21.61
CA TYR B 141 -10.47 -31.12 20.79
C TYR B 141 -10.45 -32.43 20.02
N PRO B 142 -10.20 -32.40 18.70
CA PRO B 142 -10.09 -31.18 17.89
C PRO B 142 -11.42 -30.41 17.75
N GLY B 143 -11.41 -29.29 17.02
CA GLY B 143 -12.58 -28.43 17.01
C GLY B 143 -13.60 -28.70 15.92
N ALA B 144 -14.19 -29.89 15.93
CA ALA B 144 -15.28 -30.24 15.04
C ALA B 144 -16.38 -30.91 15.86
N VAL B 145 -17.58 -30.31 15.87
CA VAL B 145 -18.77 -30.95 16.42
C VAL B 145 -19.91 -30.70 15.46
N THR B 146 -20.90 -31.58 15.52
CA THR B 146 -22.21 -31.28 14.94
C THR B 146 -23.21 -31.23 16.07
N VAL B 147 -24.26 -30.43 15.87
CA VAL B 147 -25.26 -30.18 16.89
C VAL B 147 -26.62 -30.51 16.30
N ALA B 148 -27.40 -31.31 17.02
CA ALA B 148 -28.77 -31.63 16.63
C ALA B 148 -29.71 -31.33 17.79
N TRP B 149 -30.86 -30.76 17.47
CA TRP B 149 -31.87 -30.43 18.47
C TRP B 149 -33.07 -31.37 18.34
N LYS B 150 -33.71 -31.65 19.47
CA LYS B 150 -34.91 -32.46 19.50
C LYS B 150 -35.98 -31.79 20.37
N ALA B 151 -37.15 -31.53 19.78
CA ALA B 151 -38.36 -31.26 20.55
C ALA B 151 -38.99 -32.59 20.94
N ASP B 152 -39.03 -32.89 22.24
CA ASP B 152 -39.38 -34.21 22.75
C ASP B 152 -38.50 -35.26 22.07
N SER B 153 -39.05 -36.02 21.11
CA SER B 153 -38.26 -36.98 20.34
C SER B 153 -38.08 -36.57 18.88
N SER B 154 -38.76 -35.51 18.42
CA SER B 154 -38.62 -35.38 16.98
C SER B 154 -37.58 -34.33 16.62
N PRO B 155 -36.77 -34.58 15.59
CA PRO B 155 -35.70 -33.64 15.24
C PRO B 155 -36.27 -32.30 14.81
N VAL B 156 -35.52 -31.25 15.14
CA VAL B 156 -35.87 -29.88 14.76
C VAL B 156 -34.75 -29.32 13.89
N LYS B 157 -35.12 -28.81 12.72
CA LYS B 157 -34.18 -28.02 11.93
C LYS B 157 -34.46 -26.54 11.99
N ALA B 158 -35.73 -26.15 11.95
CA ALA B 158 -36.10 -24.74 11.90
C ALA B 158 -35.74 -24.04 13.20
N GLY B 159 -35.23 -22.81 13.08
CA GLY B 159 -34.92 -22.01 14.23
C GLY B 159 -33.60 -22.29 14.90
N VAL B 160 -32.74 -23.12 14.29
CA VAL B 160 -31.46 -23.53 14.86
C VAL B 160 -30.36 -22.68 14.25
N GLU B 161 -29.52 -22.09 15.09
CA GLU B 161 -28.29 -21.44 14.64
C GLU B 161 -27.14 -21.95 15.49
N THR B 162 -26.07 -22.39 14.83
CA THR B 162 -24.88 -22.92 15.49
C THR B 162 -23.67 -22.14 15.00
N THR B 163 -22.77 -21.79 15.92
CA THR B 163 -21.57 -21.07 15.49
C THR B 163 -20.52 -22.05 14.99
N THR B 164 -19.59 -21.50 14.21
CA THR B 164 -18.33 -22.19 13.95
C THR B 164 -17.57 -22.39 15.26
N PRO B 165 -16.70 -23.38 15.33
CA PRO B 165 -15.89 -23.54 16.54
C PRO B 165 -14.88 -22.39 16.64
N SER B 166 -14.48 -22.08 17.87
CA SER B 166 -13.53 -21.01 18.13
C SER B 166 -12.53 -21.50 19.15
N LYS B 167 -11.26 -21.13 18.96
CA LYS B 167 -10.17 -21.70 19.74
C LYS B 167 -10.09 -21.02 21.11
N GLN B 168 -10.17 -21.81 22.18
CA GLN B 168 -10.05 -21.24 23.51
C GLN B 168 -8.57 -21.02 23.85
N SER B 169 -8.31 -20.25 24.89
CA SER B 169 -6.95 -19.98 25.30
C SER B 169 -6.15 -21.23 25.66
N ASN B 170 -6.82 -22.36 25.94
CA ASN B 170 -6.10 -23.60 26.18
C ASN B 170 -6.01 -24.48 24.93
N ASN B 171 -6.36 -23.91 23.77
CA ASN B 171 -6.26 -24.54 22.45
C ASN B 171 -7.24 -25.67 22.25
N LYS B 172 -8.24 -25.80 23.12
CA LYS B 172 -9.43 -26.56 22.80
C LYS B 172 -10.43 -25.58 22.18
N TYR B 173 -11.67 -26.02 21.96
CA TYR B 173 -12.60 -25.26 21.16
C TYR B 173 -13.94 -25.14 21.88
N ALA B 174 -14.68 -24.10 21.49
CA ALA B 174 -15.99 -23.80 22.04
C ALA B 174 -16.97 -23.54 20.90
N ALA B 175 -18.26 -23.78 21.17
CA ALA B 175 -19.28 -23.46 20.19
C ALA B 175 -20.60 -23.22 20.89
N SER B 176 -21.52 -22.60 20.16
CA SER B 176 -22.83 -22.20 20.63
C SER B 176 -23.88 -22.71 19.65
N SER B 177 -25.00 -23.19 20.16
CA SER B 177 -26.16 -23.44 19.32
C SER B 177 -27.41 -22.88 19.99
N TYR B 178 -28.24 -22.21 19.20
CA TYR B 178 -29.47 -21.57 19.66
C TYR B 178 -30.67 -22.17 18.94
N LEU B 179 -31.74 -22.39 19.67
CA LEU B 179 -33.01 -22.80 19.07
C LEU B 179 -34.00 -21.70 19.39
N SER B 180 -34.54 -21.07 18.36
CA SER B 180 -35.57 -20.06 18.52
C SER B 180 -36.93 -20.75 18.57
N LEU B 181 -37.75 -20.35 19.53
CA LEU B 181 -38.90 -21.14 19.96
C LEU B 181 -40.09 -20.24 20.27
N THR B 182 -41.26 -20.76 20.07
CA THR B 182 -42.47 -20.14 20.58
C THR B 182 -42.66 -20.44 22.07
N PRO B 183 -43.16 -19.47 22.83
CA PRO B 183 -43.57 -19.77 24.21
C PRO B 183 -44.47 -20.98 24.31
N GLU B 184 -45.49 -21.10 23.42
CA GLU B 184 -46.34 -22.28 23.42
C GLU B 184 -45.55 -23.54 23.11
N GLN B 185 -44.69 -23.49 22.09
CA GLN B 185 -43.85 -24.64 21.78
C GLN B 185 -43.03 -25.05 23.00
N TRP B 186 -42.46 -24.06 23.70
CA TRP B 186 -41.65 -24.38 24.87
C TRP B 186 -42.51 -25.02 25.96
N LYS B 187 -43.68 -24.44 26.26
CA LYS B 187 -44.54 -25.01 27.30
C LYS B 187 -45.13 -26.36 26.90
N SER B 188 -45.39 -26.56 25.59
CA SER B 188 -46.18 -27.70 25.10
C SER B 188 -45.41 -29.00 25.11
N HIS B 189 -44.14 -28.98 24.70
CA HIS B 189 -43.35 -30.20 24.74
C HIS B 189 -42.95 -30.54 26.16
N ARG B 190 -42.73 -31.82 26.41
CA ARG B 190 -42.30 -32.22 27.74
C ARG B 190 -40.84 -31.85 27.96
N SER B 191 -40.04 -31.77 26.90
CA SER B 191 -38.63 -31.43 27.05
C SER B 191 -38.06 -31.07 25.69
N TYR B 192 -36.86 -30.48 25.73
CA TYR B 192 -36.03 -30.24 24.56
C TYR B 192 -34.64 -30.74 24.87
N SER B 193 -33.89 -31.01 23.81
CA SER B 193 -32.58 -31.60 23.95
C SER B 193 -31.66 -31.03 22.90
N CYS B 194 -30.43 -30.75 23.29
CA CYS B 194 -29.41 -30.44 22.32
C CYS B 194 -28.36 -31.55 22.42
N GLN B 195 -28.06 -32.17 21.27
CA GLN B 195 -27.15 -33.30 21.19
C GLN B 195 -25.91 -32.87 20.44
N VAL B 196 -24.76 -33.00 21.09
CA VAL B 196 -23.49 -32.60 20.50
C VAL B 196 -22.70 -33.87 20.22
N THR B 197 -22.41 -34.13 18.95
CA THR B 197 -21.63 -35.28 18.54
C THR B 197 -20.21 -34.82 18.23
N HIS B 198 -19.23 -35.42 18.89
CA HIS B 198 -17.83 -35.10 18.67
C HIS B 198 -17.07 -36.41 18.48
N GLU B 199 -16.45 -36.58 17.31
CA GLU B 199 -15.73 -37.82 16.98
C GLU B 199 -16.67 -39.02 17.10
N GLY B 200 -17.86 -38.89 16.54
CA GLY B 200 -18.78 -40.01 16.48
C GLY B 200 -19.37 -40.45 17.80
N SER B 201 -19.13 -39.74 18.90
CA SER B 201 -19.79 -40.01 20.18
C SER B 201 -20.51 -38.75 20.67
N THR B 202 -21.74 -38.94 21.15
CA THR B 202 -22.69 -37.85 21.33
C THR B 202 -22.89 -37.54 22.80
N VAL B 203 -22.82 -36.27 23.15
CA VAL B 203 -23.18 -35.76 24.47
C VAL B 203 -24.51 -35.02 24.33
N GLU B 204 -25.45 -35.30 25.24
CA GLU B 204 -26.80 -34.77 25.22
C GLU B 204 -27.11 -34.03 26.52
N LYS B 205 -27.83 -32.91 26.42
CA LYS B 205 -28.43 -32.29 27.59
C LYS B 205 -29.89 -31.98 27.31
N THR B 206 -30.71 -31.98 28.37
CA THR B 206 -32.16 -31.93 28.23
C THR B 206 -32.75 -30.99 29.26
N VAL B 207 -33.71 -30.16 28.84
CA VAL B 207 -34.40 -29.24 29.73
C VAL B 207 -35.89 -29.35 29.53
N ALA B 208 -36.63 -28.86 30.52
CA ALA B 208 -38.06 -29.05 30.54
C ALA B 208 -38.72 -27.88 31.26
N PRO B 209 -39.90 -27.43 30.81
CA PRO B 209 -40.65 -26.30 31.38
C PRO B 209 -41.39 -26.61 32.68
N THR C 15 9.30 9.99 -69.80
CA THR C 15 8.95 11.40 -70.03
C THR C 15 8.40 12.04 -68.75
N ASN C 16 8.03 11.20 -67.79
CA ASN C 16 7.35 11.64 -66.57
C ASN C 16 7.97 10.98 -65.34
N LEU C 17 7.74 11.58 -64.18
CA LEU C 17 8.38 11.14 -62.94
C LEU C 17 7.56 10.02 -62.30
N CYS C 18 8.22 9.25 -61.43
CA CYS C 18 7.49 8.29 -60.61
C CYS C 18 6.70 9.02 -59.50
N PRO C 19 5.50 8.56 -59.20
CA PRO C 19 4.67 9.24 -58.17
C PRO C 19 5.04 8.84 -56.74
N PHE C 20 6.29 9.09 -56.35
CA PHE C 20 6.72 8.75 -55.00
C PHE C 20 5.93 9.50 -53.94
N GLY C 21 5.43 10.70 -54.27
CA GLY C 21 4.55 11.40 -53.36
C GLY C 21 3.24 10.69 -53.12
N GLU C 22 2.86 9.76 -54.00
CA GLU C 22 1.64 9.02 -53.76
C GLU C 22 1.78 8.09 -52.57
N VAL C 23 3.00 7.64 -52.26
CA VAL C 23 3.22 6.78 -51.10
C VAL C 23 3.75 7.57 -49.91
N PHE C 24 4.69 8.50 -50.17
CA PHE C 24 5.36 9.21 -49.07
C PHE C 24 4.45 10.25 -48.44
N ASN C 25 3.79 11.04 -49.26
CA ASN C 25 2.95 12.13 -48.77
C ASN C 25 1.50 11.69 -48.62
N ALA C 26 1.23 10.40 -48.72
CA ALA C 26 -0.12 9.90 -48.49
C ALA C 26 -0.63 10.37 -47.14
N THR C 27 -1.94 10.58 -47.07
CA THR C 27 -2.54 11.16 -45.87
C THR C 27 -2.64 10.13 -44.76
N ARG C 28 -3.14 8.94 -45.08
CA ARG C 28 -3.22 7.85 -44.12
C ARG C 28 -2.17 6.79 -44.45
N PHE C 29 -1.73 6.07 -43.41
CA PHE C 29 -0.79 4.97 -43.58
C PHE C 29 -1.40 3.69 -43.04
N ALA C 30 -0.98 2.56 -43.60
CA ALA C 30 -1.45 1.27 -43.14
C ALA C 30 -0.88 0.94 -41.76
N SER C 31 -1.62 0.13 -41.03
CA SER C 31 -1.03 -0.57 -39.89
C SER C 31 0.05 -1.52 -40.39
N VAL C 32 1.06 -1.76 -39.55
CA VAL C 32 2.21 -2.54 -39.99
C VAL C 32 1.81 -3.98 -40.30
N TYR C 33 0.86 -4.53 -39.54
CA TYR C 33 0.48 -5.92 -39.77
C TYR C 33 -0.26 -6.07 -41.10
N ALA C 34 -0.81 -4.97 -41.62
CA ALA C 34 -1.48 -4.95 -42.91
C ALA C 34 -0.78 -3.97 -43.83
N TRP C 35 0.54 -4.08 -43.94
CA TRP C 35 1.31 -3.07 -44.64
C TRP C 35 0.89 -2.95 -46.10
N ASN C 36 0.84 -1.71 -46.60
CA ASN C 36 0.59 -1.48 -48.02
C ASN C 36 1.81 -1.72 -48.91
N ARG C 37 1.55 -2.41 -50.02
CA ARG C 37 2.46 -2.46 -51.15
C ARG C 37 1.86 -1.67 -52.30
N LYS C 38 2.64 -0.73 -52.85
CA LYS C 38 2.29 -0.08 -54.10
C LYS C 38 3.33 -0.40 -55.16
N ARG C 39 2.89 -1.01 -56.26
CA ARG C 39 3.77 -1.25 -57.40
C ARG C 39 4.08 0.08 -58.09
N ILE C 40 5.34 0.24 -58.49
CA ILE C 40 5.79 1.44 -59.17
C ILE C 40 6.50 1.02 -60.45
N SER C 41 6.09 1.63 -61.57
CA SER C 41 6.52 1.15 -62.88
C SER C 41 6.27 2.25 -63.89
N ASN C 42 6.87 2.08 -65.07
CA ASN C 42 6.67 2.95 -66.23
C ASN C 42 6.84 4.42 -65.86
N CYS C 43 8.05 4.74 -65.39
CA CYS C 43 8.33 6.11 -64.96
C CYS C 43 9.83 6.23 -64.78
N VAL C 44 10.27 7.46 -64.52
CA VAL C 44 11.67 7.77 -64.27
C VAL C 44 11.78 8.25 -62.83
N ALA C 45 12.70 7.65 -62.07
CA ALA C 45 12.81 7.88 -60.63
C ALA C 45 14.17 8.47 -60.33
N ASP C 46 14.18 9.66 -59.72
CA ASP C 46 15.43 10.25 -59.24
C ASP C 46 15.49 10.08 -57.73
N TYR C 47 16.32 9.13 -57.29
CA TYR C 47 16.48 8.82 -55.88
C TYR C 47 17.27 9.90 -55.14
N SER C 48 18.00 10.75 -55.86
CA SER C 48 18.69 11.85 -55.19
C SER C 48 17.72 12.95 -54.76
N VAL C 49 16.68 13.24 -55.54
CA VAL C 49 15.70 14.21 -55.06
C VAL C 49 14.82 13.62 -53.97
N LEU C 50 14.54 12.31 -54.03
CA LEU C 50 13.82 11.68 -52.93
C LEU C 50 14.62 11.76 -51.64
N TYR C 51 15.93 11.46 -51.72
CA TYR C 51 16.81 11.51 -50.56
C TYR C 51 16.79 12.88 -49.90
N ASN C 52 16.88 13.94 -50.70
CA ASN C 52 16.91 15.30 -50.19
C ASN C 52 15.52 15.92 -50.12
N SER C 53 14.47 15.12 -50.29
CA SER C 53 13.11 15.66 -50.24
C SER C 53 12.71 16.07 -48.82
N ALA C 54 13.37 15.53 -47.80
CA ALA C 54 13.10 15.87 -46.40
C ALA C 54 14.30 15.45 -45.57
N SER C 55 14.28 15.79 -44.28
CA SER C 55 15.29 15.27 -43.35
C SER C 55 14.71 14.03 -42.68
N PHE C 56 14.87 12.91 -43.37
CA PHE C 56 14.46 11.62 -42.83
C PHE C 56 15.36 11.24 -41.67
N SER C 57 14.76 10.68 -40.62
CA SER C 57 15.59 10.17 -39.53
C SER C 57 16.31 8.90 -39.94
N THR C 58 15.74 8.16 -40.89
CA THR C 58 16.34 6.97 -41.46
C THR C 58 16.19 7.01 -42.97
N PHE C 59 17.28 6.74 -43.68
CA PHE C 59 17.20 6.36 -45.09
C PHE C 59 18.51 5.70 -45.50
N LYS C 60 18.43 4.37 -45.54
CA LYS C 60 19.53 3.41 -45.53
C LYS C 60 19.24 2.44 -46.67
N CYS C 61 20.18 2.31 -47.59
CA CYS C 61 20.05 1.41 -48.71
C CYS C 61 20.99 0.23 -48.52
N TYR C 62 20.58 -0.93 -49.02
CA TYR C 62 21.31 -2.18 -48.84
C TYR C 62 21.85 -2.76 -50.15
N GLY C 63 21.21 -2.50 -51.28
CA GLY C 63 21.79 -2.89 -52.56
C GLY C 63 22.89 -1.97 -53.04
N VAL C 64 22.55 -0.75 -53.48
CA VAL C 64 23.51 0.30 -53.82
C VAL C 64 22.97 1.63 -53.31
N SER C 65 23.71 2.70 -53.57
CA SER C 65 23.42 4.01 -52.98
C SER C 65 22.42 4.77 -53.82
N PRO C 66 21.88 5.90 -53.29
CA PRO C 66 20.98 6.74 -54.10
C PRO C 66 21.55 7.15 -55.45
N THR C 67 22.71 7.82 -55.45
CA THR C 67 23.30 8.28 -56.70
C THR C 67 23.59 7.11 -57.64
N LYS C 68 24.01 5.98 -57.08
CA LYS C 68 24.20 4.79 -57.90
C LYS C 68 22.87 4.36 -58.53
N LEU C 69 21.76 4.51 -57.80
CA LEU C 69 20.47 4.03 -58.28
C LEU C 69 19.98 4.82 -59.50
N ASN C 70 20.35 6.10 -59.61
CA ASN C 70 19.97 6.88 -60.78
C ASN C 70 20.60 6.37 -62.07
N ASP C 71 21.50 5.39 -61.98
CA ASP C 71 22.08 4.79 -63.18
C ASP C 71 21.40 3.51 -63.60
N LEU C 72 20.68 2.83 -62.70
CA LEU C 72 20.22 1.48 -63.01
C LEU C 72 18.80 1.55 -63.56
N CYS C 73 18.36 0.42 -64.14
CA CYS C 73 16.97 0.22 -64.52
C CYS C 73 16.46 -1.06 -63.88
N PHE C 74 15.16 -1.09 -63.58
CA PHE C 74 14.58 -2.25 -62.91
C PHE C 74 13.27 -2.61 -63.57
N THR C 75 12.98 -3.92 -63.58
CA THR C 75 11.68 -4.38 -64.06
C THR C 75 10.53 -3.77 -63.27
N ASN C 76 10.61 -3.80 -61.94
CA ASN C 76 9.60 -3.18 -61.08
C ASN C 76 10.25 -2.68 -59.80
N VAL C 77 9.70 -1.61 -59.25
CA VAL C 77 10.02 -1.12 -57.92
C VAL C 77 8.76 -1.19 -57.07
N TYR C 78 8.90 -1.58 -55.80
CA TYR C 78 7.79 -1.69 -54.88
C TYR C 78 8.03 -0.80 -53.67
N ALA C 79 6.98 -0.12 -53.22
CA ALA C 79 7.06 0.78 -52.09
C ALA C 79 6.08 0.28 -51.03
N ASP C 80 6.61 -0.40 -50.01
CA ASP C 80 5.81 -0.82 -48.87
C ASP C 80 5.82 0.30 -47.84
N SER C 81 4.66 0.58 -47.22
CA SER C 81 4.56 1.66 -46.26
C SER C 81 3.62 1.27 -45.13
N PHE C 82 3.87 1.86 -43.95
CA PHE C 82 3.20 1.47 -42.72
C PHE C 82 3.74 2.34 -41.59
N VAL C 83 3.13 2.17 -40.41
CA VAL C 83 3.50 2.90 -39.21
C VAL C 83 3.94 1.93 -38.12
N ILE C 84 5.01 2.28 -37.42
CA ILE C 84 5.49 1.57 -36.25
C ILE C 84 5.93 2.59 -35.22
N ARG C 85 6.32 2.12 -34.04
CA ARG C 85 6.87 3.05 -33.07
C ARG C 85 8.38 3.16 -33.24
N GLY C 86 8.91 4.28 -32.72
CA GLY C 86 10.31 4.61 -32.96
C GLY C 86 11.29 3.50 -32.61
N ASP C 87 11.14 2.90 -31.43
CA ASP C 87 12.15 1.93 -31.02
C ASP C 87 12.07 0.63 -31.82
N GLU C 88 11.10 0.48 -32.74
CA GLU C 88 11.04 -0.67 -33.63
C GLU C 88 11.56 -0.37 -35.03
N VAL C 89 11.99 0.86 -35.32
CA VAL C 89 12.46 1.17 -36.67
C VAL C 89 13.72 0.36 -37.00
N ARG C 90 14.56 0.07 -35.99
CA ARG C 90 15.74 -0.77 -36.18
C ARG C 90 15.39 -2.19 -36.66
N GLN C 91 14.17 -2.66 -36.44
CA GLN C 91 13.79 -4.00 -36.90
C GLN C 91 13.44 -4.06 -38.39
N ILE C 92 13.31 -2.92 -39.07
CA ILE C 92 13.04 -2.92 -40.50
C ILE C 92 14.39 -2.96 -41.22
N ALA C 93 15.03 -4.12 -41.17
CA ALA C 93 16.36 -4.30 -41.74
C ALA C 93 16.58 -5.78 -41.92
N PRO C 94 17.32 -6.21 -42.94
CA PRO C 94 17.53 -7.66 -43.13
C PRO C 94 18.26 -8.25 -41.95
N GLY C 95 17.86 -9.47 -41.56
CA GLY C 95 18.46 -10.19 -40.45
C GLY C 95 17.95 -9.87 -39.06
N GLN C 96 17.03 -8.91 -38.90
CA GLN C 96 16.58 -8.52 -37.57
C GLN C 96 15.57 -9.52 -37.00
N THR C 97 15.40 -9.47 -35.67
CA THR C 97 14.38 -10.24 -34.96
C THR C 97 13.61 -9.29 -34.05
N GLY C 98 12.43 -9.74 -33.61
CA GLY C 98 11.54 -8.93 -32.78
C GLY C 98 10.11 -9.08 -33.25
N LYS C 99 9.14 -8.60 -32.47
CA LYS C 99 7.74 -8.74 -32.88
C LYS C 99 7.50 -8.22 -34.29
N ILE C 100 8.14 -7.11 -34.66
CA ILE C 100 7.86 -6.51 -35.97
C ILE C 100 8.51 -7.32 -37.08
N ALA C 101 9.83 -7.53 -37.00
CA ALA C 101 10.55 -8.21 -38.06
C ALA C 101 10.09 -9.64 -38.26
N ASP C 102 9.49 -10.26 -37.24
CA ASP C 102 9.13 -11.66 -37.31
C ASP C 102 7.65 -11.92 -37.46
N TYR C 103 6.78 -11.01 -36.99
CA TYR C 103 5.34 -11.24 -37.01
C TYR C 103 4.56 -10.30 -37.92
N ASN C 104 5.20 -9.23 -38.43
CA ASN C 104 4.50 -8.15 -39.11
C ASN C 104 5.05 -7.87 -40.50
N TYR C 105 6.35 -7.54 -40.59
CA TYR C 105 6.96 -7.20 -41.87
C TYR C 105 8.41 -7.69 -41.86
N LYS C 106 8.74 -8.62 -42.77
CA LYS C 106 10.06 -9.25 -42.79
C LYS C 106 10.75 -9.03 -44.13
N LEU C 107 11.98 -8.60 -44.06
CA LEU C 107 12.82 -8.42 -45.24
C LEU C 107 13.61 -9.69 -45.56
N PRO C 108 13.84 -9.97 -46.85
CA PRO C 108 14.79 -11.03 -47.20
C PRO C 108 16.18 -10.68 -46.69
N ASP C 109 16.93 -11.73 -46.33
CA ASP C 109 18.32 -11.53 -45.93
C ASP C 109 19.14 -10.92 -47.05
N ASP C 110 18.78 -11.25 -48.28
CA ASP C 110 19.48 -10.81 -49.48
C ASP C 110 18.74 -9.61 -50.08
N PHE C 111 18.61 -8.55 -49.27
CA PHE C 111 17.70 -7.45 -49.59
C PHE C 111 18.41 -6.36 -50.38
N THR C 112 17.86 -6.00 -51.53
CA THR C 112 18.34 -4.93 -52.39
C THR C 112 17.25 -3.86 -52.44
N GLY C 113 17.45 -2.79 -51.67
CA GLY C 113 16.47 -1.73 -51.61
C GLY C 113 16.83 -0.75 -50.52
N CYS C 114 15.91 0.17 -50.24
CA CYS C 114 16.13 1.20 -49.24
C CYS C 114 15.01 1.20 -48.20
N VAL C 115 15.39 1.52 -46.97
CA VAL C 115 14.45 1.66 -45.85
C VAL C 115 14.46 3.12 -45.45
N ILE C 116 13.28 3.73 -45.43
CA ILE C 116 13.12 5.17 -45.29
C ILE C 116 12.08 5.41 -44.20
N ALA C 117 12.45 6.21 -43.20
CA ALA C 117 11.55 6.43 -42.08
C ALA C 117 11.70 7.85 -41.56
N TRP C 118 10.63 8.36 -40.96
CA TRP C 118 10.65 9.71 -40.41
C TRP C 118 9.63 9.78 -39.28
N ASN C 119 9.91 10.67 -38.32
CA ASN C 119 9.02 10.78 -37.18
C ASN C 119 7.69 11.39 -37.62
N SER C 120 6.61 10.82 -37.11
CA SER C 120 5.25 11.10 -37.55
C SER C 120 4.37 11.60 -36.40
N ASN C 121 5.01 12.08 -35.32
CA ASN C 121 4.30 12.35 -34.07
C ASN C 121 3.15 13.34 -34.26
N ASN C 122 3.37 14.41 -35.05
CA ASN C 122 2.34 15.43 -35.21
C ASN C 122 1.09 14.88 -35.91
N LEU C 123 1.26 13.97 -36.89
CA LEU C 123 0.14 13.42 -37.63
C LEU C 123 -0.53 12.25 -36.92
N ASP C 124 0.25 11.34 -36.33
CA ASP C 124 -0.27 10.03 -36.01
C ASP C 124 -0.52 9.80 -34.53
N SER C 125 -0.22 10.78 -33.68
CA SER C 125 -0.63 10.67 -32.29
C SER C 125 -1.77 11.65 -32.01
N LYS C 126 -2.42 11.43 -30.86
CA LYS C 126 -3.67 12.08 -30.52
C LYS C 126 -3.70 12.25 -29.01
N VAL C 127 -4.30 13.36 -28.55
CA VAL C 127 -4.49 13.54 -27.12
C VAL C 127 -5.41 12.45 -26.60
N GLY C 128 -4.98 11.77 -25.54
CA GLY C 128 -5.70 10.60 -25.07
C GLY C 128 -5.45 9.34 -25.87
N GLY C 129 -4.66 9.42 -26.94
CA GLY C 129 -4.22 8.23 -27.65
C GLY C 129 -4.90 7.94 -28.97
N ASN C 130 -4.10 7.64 -29.99
CA ASN C 130 -4.59 7.07 -31.24
C ASN C 130 -4.41 5.55 -31.15
N TYR C 131 -5.51 4.81 -31.26
CA TYR C 131 -5.49 3.35 -31.20
C TYR C 131 -5.83 2.70 -32.54
N ASN C 132 -5.79 3.47 -33.63
CA ASN C 132 -6.05 2.92 -34.96
C ASN C 132 -4.90 2.10 -35.51
N TYR C 133 -3.67 2.36 -35.07
CA TYR C 133 -2.50 1.64 -35.58
C TYR C 133 -2.26 0.39 -34.74
N LEU C 134 -2.14 -0.74 -35.41
CA LEU C 134 -2.06 -2.04 -34.77
C LEU C 134 -0.79 -2.73 -35.23
N TYR C 135 -0.39 -3.74 -34.47
CA TYR C 135 0.71 -4.61 -34.84
C TYR C 135 0.40 -5.98 -34.27
N ARG C 136 0.92 -7.02 -34.93
CA ARG C 136 0.68 -8.39 -34.49
C ARG C 136 1.65 -8.75 -33.37
N LEU C 137 1.12 -9.12 -32.21
CA LEU C 137 1.94 -9.42 -31.05
C LEU C 137 2.21 -10.90 -30.90
N PHE C 138 1.30 -11.77 -31.36
CA PHE C 138 1.39 -13.22 -31.21
C PHE C 138 1.30 -13.90 -32.57
N ARG C 139 2.09 -14.95 -32.76
CA ARG C 139 2.03 -15.77 -33.96
C ARG C 139 2.76 -17.07 -33.66
N LYS C 140 2.25 -18.15 -34.22
CA LYS C 140 2.80 -19.48 -33.96
C LYS C 140 4.12 -19.78 -34.65
N SER C 141 4.52 -18.97 -35.63
CA SER C 141 5.77 -19.13 -36.36
C SER C 141 6.02 -17.83 -37.09
N ASN C 142 7.27 -17.64 -37.49
CA ASN C 142 7.71 -16.41 -38.15
C ASN C 142 7.12 -16.28 -39.56
N LEU C 143 6.91 -15.03 -39.99
CA LEU C 143 6.56 -14.79 -41.38
C LEU C 143 7.75 -15.11 -42.28
N LYS C 144 7.43 -15.36 -43.55
CA LYS C 144 8.44 -15.40 -44.60
C LYS C 144 8.75 -13.98 -45.05
N PRO C 145 9.91 -13.74 -45.67
CA PRO C 145 10.19 -12.39 -46.17
C PRO C 145 9.09 -11.95 -47.12
N PHE C 146 8.59 -10.73 -46.89
CA PHE C 146 7.54 -10.10 -47.65
C PHE C 146 6.18 -10.80 -47.52
N GLU C 147 6.02 -11.69 -46.53
CA GLU C 147 4.69 -12.23 -46.28
C GLU C 147 3.84 -11.18 -45.55
N ARG C 148 2.53 -11.26 -45.75
CA ARG C 148 1.58 -10.41 -45.03
C ARG C 148 0.50 -11.29 -44.43
N ASP C 149 0.31 -11.18 -43.12
CA ASP C 149 -0.71 -11.93 -42.40
C ASP C 149 -1.67 -10.92 -41.78
N ILE C 150 -2.92 -10.95 -42.22
CA ILE C 150 -3.93 -10.10 -41.61
C ILE C 150 -5.04 -10.91 -40.94
N SER C 151 -4.80 -12.22 -40.73
CA SER C 151 -5.76 -13.04 -40.02
C SER C 151 -5.89 -12.56 -38.56
N THR C 152 -6.98 -13.00 -37.91
CA THR C 152 -7.29 -12.55 -36.56
C THR C 152 -7.85 -13.70 -35.72
N GLU C 153 -7.28 -14.89 -35.85
CA GLU C 153 -7.56 -16.01 -34.94
C GLU C 153 -7.10 -15.68 -33.52
N ILE C 154 -7.85 -16.21 -32.54
CA ILE C 154 -7.38 -16.19 -31.17
C ILE C 154 -6.15 -17.06 -31.05
N TYR C 155 -5.07 -16.49 -30.51
CA TYR C 155 -3.80 -17.20 -30.38
C TYR C 155 -3.79 -17.99 -29.08
N GLN C 156 -3.54 -19.30 -29.19
CA GLN C 156 -3.52 -20.22 -28.04
C GLN C 156 -2.12 -20.28 -27.44
N ALA C 157 -1.90 -19.54 -26.35
CA ALA C 157 -0.58 -19.47 -25.74
C ALA C 157 -0.29 -20.68 -24.86
N GLY C 158 -1.31 -21.35 -24.36
CA GLY C 158 -1.08 -22.49 -23.48
C GLY C 158 -1.73 -23.76 -24.02
N SER C 159 -1.99 -24.73 -23.15
CA SER C 159 -2.44 -26.03 -23.65
C SER C 159 -3.96 -26.18 -23.64
N THR C 160 -4.71 -25.17 -23.16
CA THR C 160 -6.16 -25.32 -23.09
C THR C 160 -6.81 -24.58 -24.25
N PRO C 161 -7.95 -25.08 -24.71
CA PRO C 161 -8.58 -24.53 -25.91
C PRO C 161 -9.09 -23.11 -25.71
N CYS C 162 -9.15 -22.37 -26.81
CA CYS C 162 -9.65 -21.00 -26.81
C CYS C 162 -11.10 -20.90 -27.27
N ASN C 163 -11.59 -21.89 -28.01
CA ASN C 163 -12.98 -21.92 -28.49
C ASN C 163 -13.37 -20.61 -29.18
N GLY C 164 -12.39 -19.99 -29.84
CA GLY C 164 -12.64 -18.78 -30.62
C GLY C 164 -12.87 -17.48 -29.87
N VAL C 165 -12.56 -17.41 -28.57
CA VAL C 165 -12.72 -16.15 -27.81
C VAL C 165 -11.49 -15.87 -26.95
N GLU C 166 -11.34 -14.60 -26.60
CA GLU C 166 -10.32 -14.21 -25.64
C GLU C 166 -10.63 -14.77 -24.26
N GLY C 167 -9.58 -15.16 -23.54
CA GLY C 167 -9.75 -15.78 -22.24
C GLY C 167 -8.41 -16.23 -21.70
N PHE C 168 -8.46 -17.27 -20.86
CA PHE C 168 -7.26 -17.75 -20.19
C PHE C 168 -6.22 -18.25 -21.20
N ASN C 169 -5.07 -17.58 -21.25
CA ASN C 169 -3.97 -17.92 -22.17
C ASN C 169 -4.43 -17.91 -23.63
N CYS C 170 -5.43 -17.08 -23.96
CA CYS C 170 -5.99 -17.01 -25.31
C CYS C 170 -6.13 -15.55 -25.67
N TYR C 171 -5.34 -15.09 -26.64
CA TYR C 171 -5.17 -13.67 -26.88
C TYR C 171 -5.66 -13.29 -28.27
N PHE C 172 -6.34 -12.16 -28.36
CA PHE C 172 -6.43 -11.52 -29.66
C PHE C 172 -5.01 -11.23 -30.13
N PRO C 173 -4.68 -11.49 -31.41
CA PRO C 173 -3.26 -11.44 -31.81
C PRO C 173 -2.74 -10.07 -32.15
N LEU C 174 -3.60 -9.09 -32.39
CA LEU C 174 -3.16 -7.74 -32.69
C LEU C 174 -3.26 -6.87 -31.45
N GLN C 175 -2.26 -6.01 -31.27
CA GLN C 175 -2.19 -5.05 -30.18
C GLN C 175 -2.13 -3.64 -30.79
N SER C 176 -2.77 -2.67 -30.15
CA SER C 176 -2.70 -1.32 -30.67
C SER C 176 -1.56 -0.55 -30.00
N TYR C 177 -0.90 0.30 -30.78
CA TYR C 177 -0.10 1.34 -30.18
C TYR C 177 -1.04 2.40 -29.59
N GLY C 178 -0.59 3.05 -28.53
CA GLY C 178 -1.39 4.15 -28.03
C GLY C 178 -0.64 5.44 -28.23
N PHE C 179 -0.55 5.90 -29.48
CA PHE C 179 0.28 7.08 -29.78
C PHE C 179 -0.34 8.31 -29.12
N GLN C 180 0.36 8.85 -28.12
CA GLN C 180 0.09 10.10 -27.43
C GLN C 180 1.19 11.09 -27.74
N PRO C 181 0.87 12.38 -27.93
CA PRO C 181 1.91 13.33 -28.33
C PRO C 181 3.03 13.44 -27.30
N THR C 182 2.75 13.16 -26.02
CA THR C 182 3.72 13.23 -24.94
C THR C 182 4.57 11.97 -24.81
N ASN C 183 4.42 11.00 -25.70
CA ASN C 183 5.18 9.77 -25.62
C ASN C 183 6.68 10.03 -25.72
N GLY C 184 7.46 9.21 -25.03
CA GLY C 184 8.89 9.19 -25.28
C GLY C 184 9.20 8.84 -26.72
N VAL C 185 10.40 9.21 -27.17
CA VAL C 185 10.68 9.16 -28.60
C VAL C 185 10.68 7.72 -29.11
N GLY C 186 11.06 6.76 -28.26
CA GLY C 186 10.97 5.37 -28.69
C GLY C 186 9.55 4.86 -28.84
N TYR C 187 8.57 5.59 -28.33
CA TYR C 187 7.18 5.19 -28.43
C TYR C 187 6.37 6.11 -29.33
N GLN C 188 7.03 7.00 -30.04
CA GLN C 188 6.31 7.88 -30.94
C GLN C 188 6.09 7.19 -32.29
N PRO C 189 5.05 7.56 -33.03
CA PRO C 189 4.85 6.93 -34.33
C PRO C 189 5.91 7.38 -35.32
N TYR C 190 6.28 6.45 -36.18
CA TYR C 190 7.14 6.68 -37.33
C TYR C 190 6.51 6.06 -38.56
N ARG C 191 6.59 6.78 -39.68
CA ARG C 191 6.11 6.27 -40.95
C ARG C 191 7.30 5.73 -41.72
N VAL C 192 7.11 4.58 -42.37
CA VAL C 192 8.18 3.88 -43.06
C VAL C 192 7.80 3.65 -44.50
N VAL C 193 8.75 3.83 -45.41
CA VAL C 193 8.61 3.36 -46.78
C VAL C 193 9.78 2.45 -47.07
N VAL C 194 9.50 1.26 -47.57
CA VAL C 194 10.55 0.34 -48.00
C VAL C 194 10.47 0.21 -49.51
N LEU C 195 11.57 0.52 -50.19
CA LEU C 195 11.68 0.43 -51.63
C LEU C 195 12.37 -0.87 -52.01
N SER C 196 11.72 -1.68 -52.84
CA SER C 196 12.30 -2.92 -53.36
C SER C 196 12.58 -2.75 -54.85
N PHE C 197 13.76 -3.20 -55.28
CA PHE C 197 14.18 -3.15 -56.68
C PHE C 197 14.38 -4.58 -57.17
N GLU C 198 13.34 -5.23 -57.72
CA GLU C 198 13.59 -6.31 -58.68
C GLU C 198 14.28 -6.01 -59.99
N ALA C 204 12.29 -3.84 -68.26
CA ALA C 204 12.78 -2.78 -67.39
C ALA C 204 11.95 -1.50 -67.58
N THR C 205 11.16 -1.13 -66.56
CA THR C 205 10.21 -0.03 -66.67
C THR C 205 10.61 1.20 -65.86
N VAL C 206 11.49 1.03 -64.87
CA VAL C 206 11.82 2.07 -63.91
C VAL C 206 13.32 2.34 -64.03
N CYS C 207 13.67 3.59 -64.35
CA CYS C 207 15.05 3.96 -64.61
C CYS C 207 15.36 5.27 -63.90
N GLY C 208 16.65 5.56 -63.77
CA GLY C 208 17.09 6.82 -63.20
C GLY C 208 17.22 7.96 -64.20
N VAL D 2 -2.56 4.34 6.54
CA VAL D 2 -2.06 2.98 6.66
C VAL D 2 -0.65 2.92 6.05
N GLN D 3 -0.45 3.53 4.88
CA GLN D 3 0.78 3.29 4.14
C GLN D 3 1.22 4.49 3.31
N LEU D 4 2.53 4.62 3.16
CA LEU D 4 3.13 5.51 2.17
C LEU D 4 4.16 4.68 1.39
N VAL D 5 3.89 4.41 0.11
CA VAL D 5 4.78 3.59 -0.73
C VAL D 5 5.65 4.49 -1.60
N GLU D 6 6.96 4.42 -1.40
CA GLU D 6 7.86 5.24 -2.18
C GLU D 6 8.49 4.48 -3.34
N SER D 7 8.88 5.23 -4.38
CA SER D 7 9.66 4.71 -5.49
C SER D 7 10.40 5.86 -6.16
N GLY D 8 11.15 5.54 -7.20
CA GLY D 8 11.94 6.50 -7.92
C GLY D 8 13.40 6.52 -7.55
N GLY D 9 13.80 5.83 -6.48
CA GLY D 9 15.19 5.83 -6.09
C GLY D 9 16.06 5.19 -7.17
N GLY D 10 17.33 5.58 -7.19
CA GLY D 10 18.24 4.94 -8.12
C GLY D 10 19.61 5.58 -8.06
N LEU D 11 20.47 5.10 -8.95
CA LEU D 11 21.82 5.60 -9.10
C LEU D 11 21.82 6.73 -10.11
N VAL D 12 22.60 7.78 -9.84
CA VAL D 12 22.58 8.99 -10.66
C VAL D 12 23.97 9.63 -10.60
N GLN D 13 24.41 10.22 -11.74
CA GLN D 13 25.69 10.88 -11.83
C GLN D 13 25.60 12.28 -11.22
N PRO D 14 26.70 12.79 -10.65
CA PRO D 14 26.70 14.17 -10.15
C PRO D 14 26.27 15.14 -11.25
N GLY D 15 25.42 16.11 -10.87
CA GLY D 15 24.76 16.97 -11.83
C GLY D 15 23.40 16.46 -12.28
N GLY D 16 23.13 15.16 -12.15
CA GLY D 16 21.90 14.58 -12.64
C GLY D 16 20.67 14.95 -11.84
N SER D 17 19.53 14.40 -12.25
CA SER D 17 18.22 14.74 -11.73
C SER D 17 17.45 13.47 -11.41
N LEU D 18 16.53 13.57 -10.45
CA LEU D 18 15.76 12.40 -10.03
C LEU D 18 14.47 12.89 -9.37
N ARG D 19 13.36 12.21 -9.65
CA ARG D 19 12.08 12.48 -9.00
C ARG D 19 11.65 11.28 -8.17
N LEU D 20 11.34 11.53 -6.89
CA LEU D 20 10.87 10.51 -5.99
C LEU D 20 9.35 10.63 -5.82
N SER D 21 8.69 9.49 -5.72
CA SER D 21 7.25 9.43 -5.56
C SER D 21 6.91 8.83 -4.20
N CYS D 22 5.82 9.30 -3.62
CA CYS D 22 5.37 8.85 -2.32
C CYS D 22 3.85 8.67 -2.40
N ALA D 23 3.40 7.43 -2.64
CA ALA D 23 2.01 7.16 -2.95
C ALA D 23 1.28 6.79 -1.66
N ALA D 24 0.33 7.64 -1.26
CA ALA D 24 -0.37 7.48 0.01
C ALA D 24 -1.53 6.50 -0.14
N SER D 25 -1.76 5.70 0.90
CA SER D 25 -2.81 4.70 0.81
C SER D 25 -3.90 4.87 1.86
N GLY D 26 -3.55 4.97 3.14
CA GLY D 26 -4.65 5.23 4.08
C GLY D 26 -5.00 6.67 4.40
N VAL D 27 -4.32 7.64 3.81
CA VAL D 27 -4.44 9.05 4.15
C VAL D 27 -4.36 9.87 2.87
N THR D 28 -4.84 11.11 2.97
CA THR D 28 -4.92 12.01 1.83
C THR D 28 -3.76 13.00 1.92
N VAL D 29 -2.84 12.96 0.95
CA VAL D 29 -1.72 13.89 1.01
C VAL D 29 -2.21 15.32 1.05
N SER D 30 -3.20 15.66 0.21
CA SER D 30 -3.67 17.04 0.09
C SER D 30 -4.26 17.61 1.37
N SER D 31 -4.68 16.76 2.31
CA SER D 31 -5.25 17.17 3.59
C SER D 31 -4.23 17.18 4.72
N ASN D 32 -2.94 17.03 4.42
CA ASN D 32 -1.95 16.84 5.46
C ASN D 32 -0.71 17.64 5.15
N TYR D 33 -0.04 18.10 6.21
CA TYR D 33 1.37 18.44 6.12
C TYR D 33 2.20 17.18 5.85
N MET D 34 3.14 17.28 4.91
CA MET D 34 4.04 16.19 4.55
C MET D 34 5.47 16.71 4.57
N SER D 35 6.43 15.79 4.69
CA SER D 35 7.85 16.11 4.64
C SER D 35 8.60 15.01 3.90
N TRP D 36 9.81 15.36 3.48
CA TRP D 36 10.83 14.40 3.10
C TRP D 36 11.96 14.46 4.12
N VAL D 37 12.48 13.29 4.47
CA VAL D 37 13.56 13.13 5.45
C VAL D 37 14.52 12.11 4.89
N ARG D 38 15.81 12.45 4.87
CA ARG D 38 16.80 11.60 4.23
C ARG D 38 17.82 11.12 5.25
N GLN D 39 18.49 10.01 4.95
CA GLN D 39 19.44 9.42 5.89
C GLN D 39 20.60 8.79 5.12
N ALA D 40 21.79 9.37 5.26
CA ALA D 40 22.95 8.80 4.59
C ALA D 40 23.31 7.44 5.20
N PRO D 41 23.93 6.52 4.41
CA PRO D 41 24.28 5.20 4.97
C PRO D 41 25.14 5.28 6.24
N GLY D 42 24.60 4.77 7.34
CA GLY D 42 25.29 4.80 8.62
C GLY D 42 25.26 6.12 9.34
N LYS D 43 24.43 7.08 8.91
CA LYS D 43 24.37 8.41 9.52
C LYS D 43 22.96 8.70 10.03
N GLY D 44 22.76 9.95 10.48
CA GLY D 44 21.54 10.31 11.15
C GLY D 44 20.46 10.83 10.22
N LEU D 45 19.27 11.05 10.79
CA LEU D 45 18.17 11.60 9.99
C LEU D 45 18.41 13.08 9.73
N GLU D 46 17.95 13.54 8.56
CA GLU D 46 18.06 14.95 8.17
C GLU D 46 16.76 15.40 7.51
N TRP D 47 16.10 16.37 8.13
CA TRP D 47 14.90 16.93 7.52
C TRP D 47 15.28 17.73 6.28
N VAL D 48 14.49 17.57 5.21
CA VAL D 48 14.82 18.09 3.88
C VAL D 48 13.81 19.14 3.42
N SER D 49 12.52 18.85 3.52
CA SER D 49 11.50 19.79 3.06
C SER D 49 10.14 19.42 3.63
N ALA D 50 9.27 20.42 3.67
CA ALA D 50 7.91 20.27 4.17
C ALA D 50 6.96 21.04 3.26
N VAL D 51 5.71 20.60 3.21
CA VAL D 51 4.66 21.34 2.54
C VAL D 51 3.50 21.49 3.51
N TYR D 52 2.95 22.71 3.56
CA TYR D 52 1.83 22.97 4.46
C TYR D 52 0.66 23.51 3.67
N SER D 53 -0.29 24.20 4.32
CA SER D 53 -1.46 24.68 3.61
C SER D 53 -1.10 25.69 2.53
N GLY D 54 -1.99 25.81 1.55
CA GLY D 54 -1.84 26.79 0.49
C GLY D 54 -0.66 26.56 -0.42
N GLY D 55 -0.05 25.38 -0.39
CA GLY D 55 1.12 25.13 -1.21
C GLY D 55 2.42 25.70 -0.67
N SER D 56 2.44 26.16 0.58
CA SER D 56 3.65 26.74 1.14
C SER D 56 4.72 25.66 1.34
N THR D 57 5.91 25.90 0.81
CA THR D 57 7.00 24.92 0.89
C THR D 57 8.23 25.51 1.56
N TYR D 58 8.91 24.69 2.35
CA TYR D 58 10.11 25.08 3.09
C TYR D 58 11.19 24.03 2.87
N TYR D 59 12.45 24.46 3.02
CA TYR D 59 13.57 23.61 2.66
C TYR D 59 14.71 23.80 3.65
N ALA D 60 15.40 22.71 3.97
CA ALA D 60 16.66 22.84 4.67
C ALA D 60 17.64 23.59 3.78
N ASP D 61 18.59 24.29 4.40
CA ASP D 61 19.54 25.09 3.63
C ASP D 61 20.38 24.23 2.69
N SER D 62 20.76 23.02 3.14
CA SER D 62 21.60 22.14 2.35
C SER D 62 20.98 21.75 1.02
N VAL D 63 19.73 22.10 0.75
CA VAL D 63 19.14 21.58 -0.47
C VAL D 63 18.32 22.67 -1.16
N LYS D 64 18.29 23.85 -0.55
CA LYS D 64 17.46 24.92 -1.07
C LYS D 64 17.94 25.34 -2.46
N GLY D 65 17.00 25.54 -3.38
CA GLY D 65 17.32 25.89 -4.74
C GLY D 65 17.55 24.71 -5.66
N ARG D 66 17.55 23.49 -5.13
CA ARG D 66 17.81 22.30 -5.92
C ARG D 66 16.72 21.25 -5.82
N PHE D 67 15.92 21.24 -4.75
CA PHE D 67 14.86 20.27 -4.55
C PHE D 67 13.52 20.99 -4.50
N THR D 68 12.50 20.32 -5.01
CA THR D 68 11.13 20.83 -5.06
C THR D 68 10.18 19.75 -4.59
N ILE D 69 9.45 20.02 -3.52
CA ILE D 69 8.35 19.16 -3.06
C ILE D 69 7.06 19.60 -3.72
N SER D 70 6.23 18.63 -4.10
CA SER D 70 4.98 18.90 -4.81
C SER D 70 4.05 17.70 -4.62
N ARG D 71 2.85 17.78 -5.19
CA ARG D 71 1.86 16.74 -5.03
C ARG D 71 0.98 16.65 -6.28
N HIS D 72 0.28 15.54 -6.41
CA HIS D 72 -0.79 15.40 -7.40
C HIS D 72 -1.99 14.83 -6.64
N ASN D 73 -2.99 15.68 -6.38
CA ASN D 73 -4.20 15.20 -5.70
C ASN D 73 -4.83 14.05 -6.45
N SER D 74 -4.85 14.14 -7.79
CA SER D 74 -5.48 13.10 -8.60
C SER D 74 -4.87 11.73 -8.37
N LYS D 75 -3.62 11.68 -7.89
CA LYS D 75 -2.96 10.42 -7.63
C LYS D 75 -2.68 10.18 -6.14
N ASN D 76 -3.11 11.10 -5.27
CA ASN D 76 -2.82 11.00 -3.83
C ASN D 76 -1.36 10.62 -3.60
N THR D 77 -0.48 11.38 -4.25
CA THR D 77 0.94 11.10 -4.26
C THR D 77 1.71 12.40 -4.04
N LEU D 78 2.78 12.30 -3.25
CA LEU D 78 3.71 13.40 -2.97
C LEU D 78 5.01 13.16 -3.73
N TYR D 79 5.65 14.23 -4.18
CA TYR D 79 6.87 14.08 -4.97
C TYR D 79 7.99 14.93 -4.38
N LEU D 80 9.21 14.51 -4.70
CA LEU D 80 10.41 15.31 -4.46
C LEU D 80 11.20 15.28 -5.75
N GLN D 81 11.29 16.43 -6.41
CA GLN D 81 12.11 16.58 -7.60
C GLN D 81 13.50 17.03 -7.17
N MET D 82 14.54 16.40 -7.73
CA MET D 82 15.91 16.70 -7.34
C MET D 82 16.71 17.08 -8.56
N LYS D 83 17.41 18.21 -8.48
CA LYS D 83 18.19 18.74 -9.59
C LYS D 83 19.60 19.01 -9.06
N SER D 84 20.59 18.92 -9.95
CA SER D 84 21.98 19.21 -9.56
C SER D 84 22.43 18.33 -8.39
N LEU D 85 22.19 17.03 -8.52
CA LEU D 85 22.52 16.11 -7.42
C LEU D 85 24.04 16.07 -7.19
N ARG D 86 24.41 15.89 -5.93
CA ARG D 86 25.78 15.83 -5.42
C ARG D 86 25.99 14.53 -4.65
N PRO D 87 27.22 14.00 -4.60
CA PRO D 87 27.45 12.74 -3.84
C PRO D 87 26.92 12.80 -2.42
N GLU D 88 27.04 13.95 -1.75
CA GLU D 88 26.54 14.12 -0.39
C GLU D 88 25.02 14.05 -0.29
N ASP D 89 24.30 14.08 -1.41
CA ASP D 89 22.86 13.85 -1.34
C ASP D 89 22.53 12.37 -1.23
N THR D 90 23.54 11.51 -1.27
CA THR D 90 23.33 10.07 -1.23
C THR D 90 22.71 9.66 0.11
N ALA D 91 21.58 8.96 0.04
CA ALA D 91 20.81 8.68 1.24
C ALA D 91 19.61 7.82 0.88
N ILE D 92 19.09 7.14 1.90
CA ILE D 92 17.70 6.71 1.87
C ILE D 92 16.82 7.94 2.07
N TYR D 93 15.77 8.05 1.24
CA TYR D 93 14.84 9.17 1.30
C TYR D 93 13.50 8.68 1.80
N TYR D 94 13.05 9.21 2.93
CA TYR D 94 11.74 8.89 3.47
C TYR D 94 10.76 10.03 3.24
N CYS D 95 9.51 9.69 2.93
CA CYS D 95 8.44 10.66 3.07
C CYS D 95 7.69 10.36 4.35
N ALA D 96 7.04 11.38 4.88
CA ALA D 96 6.36 11.18 6.16
C ALA D 96 5.25 12.20 6.28
N ARG D 97 4.25 11.85 7.07
CA ARG D 97 3.14 12.74 7.35
C ARG D 97 3.47 13.49 8.63
N LEU D 98 3.29 14.79 8.61
CA LEU D 98 3.61 15.65 9.74
C LEU D 98 2.30 16.01 10.44
N ILE D 99 2.11 15.52 11.66
CA ILE D 99 0.87 15.80 12.37
C ILE D 99 0.86 17.25 12.84
N ASN D 100 -0.34 17.81 12.97
CA ASN D 100 -0.46 19.24 13.23
C ASN D 100 -1.51 19.46 14.31
N HIS D 101 -2.02 20.69 14.38
CA HIS D 101 -2.92 21.09 15.45
C HIS D 101 -4.25 20.34 15.40
N TYR D 102 -4.71 19.97 14.20
CA TYR D 102 -5.95 19.25 14.01
C TYR D 102 -5.84 17.75 14.33
N TYR D 103 -4.80 17.33 15.06
CA TYR D 103 -4.59 15.93 15.44
C TYR D 103 -5.04 15.66 16.87
N ASP D 104 -4.64 16.51 17.80
CA ASP D 104 -5.15 16.52 19.19
C ASP D 104 -5.08 15.17 19.87
N SER D 106 -5.54 18.35 21.92
CA SER D 106 -5.07 19.65 22.41
C SER D 106 -3.54 19.75 22.33
N GLY D 107 -3.05 20.27 21.22
CA GLY D 107 -1.62 20.42 21.03
C GLY D 107 -1.31 20.77 19.60
N ASP D 108 -0.07 21.19 19.38
CA ASP D 108 0.36 21.60 18.04
C ASP D 108 0.76 20.44 17.14
N GLY D 109 0.95 19.25 17.70
CA GLY D 109 1.42 18.12 16.90
C GLY D 109 2.93 18.12 16.73
N GLY D 110 3.40 18.45 15.54
CA GLY D 110 4.83 18.63 15.32
C GLY D 110 5.66 17.37 15.37
N ALA D 111 5.22 16.29 14.72
CA ALA D 111 6.01 15.07 14.66
C ALA D 111 5.64 14.31 13.39
N PHE D 112 6.49 13.35 13.05
CA PHE D 112 6.31 12.51 11.87
C PHE D 112 5.81 11.14 12.35
N ASP D 113 4.51 10.87 12.19
CA ASP D 113 3.97 9.59 12.67
C ASP D 113 3.91 8.52 11.59
N ILE D 114 3.54 8.87 10.35
CA ILE D 114 3.51 7.91 9.24
C ILE D 114 4.75 8.10 8.38
N TRP D 115 5.46 7.00 8.15
CA TRP D 115 6.69 7.01 7.36
C TRP D 115 6.57 6.06 6.17
N GLY D 116 7.13 6.49 5.04
CA GLY D 116 7.32 5.58 3.93
C GLY D 116 8.43 4.59 4.22
N GLN D 117 8.49 3.54 3.39
CA GLN D 117 9.51 2.52 3.59
C GLN D 117 10.89 3.00 3.14
N GLY D 118 10.98 4.13 2.46
CA GLY D 118 12.28 4.62 2.03
C GLY D 118 12.61 4.16 0.63
N THR D 119 13.42 4.97 -0.05
CA THR D 119 13.92 4.64 -1.37
C THR D 119 15.35 5.18 -1.47
N MET D 120 16.24 4.37 -2.04
CA MET D 120 17.67 4.66 -2.00
C MET D 120 18.07 5.51 -3.20
N VAL D 121 18.81 6.59 -2.94
CA VAL D 121 19.34 7.47 -3.97
C VAL D 121 20.86 7.51 -3.78
N THR D 122 21.59 7.11 -4.82
CA THR D 122 23.04 7.07 -4.80
C THR D 122 23.52 8.07 -5.84
N VAL D 123 24.27 9.06 -5.41
CA VAL D 123 24.86 10.02 -6.34
C VAL D 123 26.35 9.73 -6.37
N SER D 124 26.81 9.19 -7.49
CA SER D 124 28.18 8.75 -7.59
C SER D 124 28.55 8.71 -9.07
N SER D 125 29.82 8.95 -9.36
CA SER D 125 30.27 8.85 -10.74
C SER D 125 30.84 7.47 -11.06
N ALA D 126 31.00 6.63 -10.04
CA ALA D 126 31.31 5.21 -10.23
C ALA D 126 30.43 4.57 -11.30
N SER D 127 31.03 3.66 -12.06
CA SER D 127 30.31 2.78 -12.95
C SER D 127 30.52 1.36 -12.48
N THR D 128 29.71 0.44 -13.02
CA THR D 128 29.89 -0.98 -12.76
C THR D 128 31.33 -1.38 -13.08
N LYS D 129 31.99 -2.04 -12.12
CA LYS D 129 33.39 -2.42 -12.29
C LYS D 129 33.66 -3.68 -11.49
N GLY D 130 34.26 -4.67 -12.15
CA GLY D 130 34.64 -5.89 -11.48
C GLY D 130 35.85 -5.69 -10.58
N PRO D 131 36.04 -6.58 -9.61
CA PRO D 131 37.12 -6.41 -8.65
C PRO D 131 38.44 -6.96 -9.15
N SER D 132 39.52 -6.39 -8.61
CA SER D 132 40.83 -7.05 -8.58
C SER D 132 40.90 -7.92 -7.33
N VAL D 133 41.38 -9.15 -7.49
CA VAL D 133 41.45 -10.12 -6.39
C VAL D 133 42.92 -10.40 -6.12
N PHE D 134 43.31 -10.32 -4.84
CA PHE D 134 44.69 -10.55 -4.43
C PHE D 134 44.74 -11.57 -3.31
N PRO D 135 45.73 -12.47 -3.34
CA PRO D 135 45.83 -13.48 -2.28
C PRO D 135 46.47 -12.89 -1.02
N LEU D 136 46.01 -13.39 0.13
CA LEU D 136 46.49 -12.94 1.44
C LEU D 136 47.18 -14.15 2.06
N ALA D 137 48.49 -14.25 1.86
CA ALA D 137 49.23 -15.43 2.22
C ALA D 137 49.27 -15.59 3.74
N PRO D 138 49.32 -16.84 4.23
CA PRO D 138 49.46 -17.17 5.65
C PRO D 138 50.89 -16.98 6.12
N GLY D 146 47.70 -24.73 16.44
CA GLY D 146 48.43 -24.75 15.17
C GLY D 146 47.58 -24.39 13.96
N THR D 147 47.10 -23.15 13.90
CA THR D 147 46.29 -22.68 12.78
C THR D 147 46.91 -21.44 12.16
N ALA D 148 46.72 -21.29 10.84
CA ALA D 148 47.06 -20.06 10.13
C ALA D 148 45.83 -19.47 9.46
N ALA D 149 45.80 -18.15 9.39
CA ALA D 149 44.79 -17.42 8.63
C ALA D 149 45.35 -17.06 7.26
N LEU D 150 44.53 -17.21 6.23
CA LEU D 150 44.84 -16.79 4.87
C LEU D 150 43.57 -16.22 4.26
N GLY D 151 43.70 -15.51 3.13
CA GLY D 151 42.53 -14.83 2.63
C GLY D 151 42.65 -14.29 1.23
N CYS D 152 41.60 -13.57 0.83
CA CYS D 152 41.50 -12.84 -0.43
C CYS D 152 41.02 -11.42 -0.21
N LEU D 153 41.72 -10.48 -0.85
CA LEU D 153 41.33 -9.09 -0.91
C LEU D 153 40.60 -8.87 -2.21
N VAL D 154 39.36 -8.39 -2.12
CA VAL D 154 38.49 -8.21 -3.29
C VAL D 154 38.28 -6.71 -3.42
N LYS D 155 38.97 -6.11 -4.39
CA LYS D 155 39.32 -4.70 -4.37
C LYS D 155 38.64 -3.93 -5.50
N ASP D 156 38.04 -2.78 -5.16
CA ASP D 156 37.64 -1.76 -6.12
C ASP D 156 36.60 -2.28 -7.13
N TYR D 157 35.45 -2.69 -6.60
CA TYR D 157 34.34 -3.08 -7.45
C TYR D 157 33.14 -2.18 -7.18
N PHE D 158 32.16 -2.23 -8.11
CA PHE D 158 30.90 -1.48 -8.00
C PHE D 158 29.89 -2.14 -8.93
N PRO D 159 28.63 -2.26 -8.51
CA PRO D 159 28.18 -1.98 -7.15
C PRO D 159 28.21 -3.28 -6.35
N GLU D 160 27.65 -3.26 -5.15
CA GLU D 160 27.37 -4.50 -4.43
C GLU D 160 26.27 -5.32 -5.09
N PRO D 161 26.28 -6.66 -4.87
CA PRO D 161 27.22 -7.38 -4.02
C PRO D 161 28.30 -8.23 -4.74
N VAL D 162 29.20 -8.77 -3.91
CA VAL D 162 30.18 -9.79 -4.25
C VAL D 162 29.95 -11.02 -3.38
N THR D 163 29.98 -12.19 -3.98
CA THR D 163 30.03 -13.43 -3.22
C THR D 163 31.43 -14.02 -3.28
N VAL D 164 31.82 -14.68 -2.19
CA VAL D 164 33.13 -15.34 -2.11
C VAL D 164 32.92 -16.75 -1.57
N SER D 165 33.51 -17.73 -2.24
CA SER D 165 33.56 -19.08 -1.73
C SER D 165 35.03 -19.51 -1.69
N TRP D 166 35.26 -20.68 -1.14
CA TRP D 166 36.61 -21.22 -1.05
C TRP D 166 36.56 -22.64 -1.59
N ASN D 167 37.53 -22.98 -2.43
CA ASN D 167 37.62 -24.29 -3.06
C ASN D 167 36.27 -24.70 -3.65
N SER D 168 35.73 -23.79 -4.47
CA SER D 168 34.48 -24.00 -5.21
C SER D 168 33.30 -24.25 -4.28
N GLY D 169 33.37 -23.76 -3.04
CA GLY D 169 32.32 -24.00 -2.08
C GLY D 169 32.51 -25.24 -1.22
N ALA D 170 33.56 -26.03 -1.44
CA ALA D 170 33.84 -27.20 -0.58
C ALA D 170 34.40 -26.81 0.77
N LEU D 171 35.01 -25.63 0.89
CA LEU D 171 35.62 -25.17 2.13
C LEU D 171 34.76 -24.06 2.72
N THR D 172 34.02 -24.39 3.76
CA THR D 172 33.22 -23.39 4.47
C THR D 172 33.55 -23.29 5.95
N SER D 173 34.05 -24.36 6.56
CA SER D 173 34.36 -24.33 7.98
C SER D 173 35.48 -23.33 8.25
N GLY D 174 35.23 -22.38 9.14
CA GLY D 174 36.23 -21.38 9.45
C GLY D 174 36.37 -20.26 8.43
N VAL D 175 35.46 -20.15 7.47
CA VAL D 175 35.44 -19.06 6.51
C VAL D 175 34.73 -17.87 7.12
N HIS D 176 35.31 -16.67 6.99
CA HIS D 176 34.61 -15.45 7.36
C HIS D 176 34.77 -14.41 6.27
N THR D 177 33.67 -14.08 5.59
CA THR D 177 33.68 -13.03 4.59
C THR D 177 33.11 -11.75 5.18
N PHE D 178 33.86 -10.66 5.08
CA PHE D 178 33.56 -9.45 5.83
C PHE D 178 32.76 -8.46 4.99
N PRO D 179 31.89 -7.66 5.63
CA PRO D 179 31.20 -6.58 4.91
C PRO D 179 32.20 -5.64 4.23
N ALA D 180 31.79 -5.08 3.10
CA ALA D 180 32.69 -4.25 2.32
C ALA D 180 32.83 -2.88 2.95
N VAL D 181 33.98 -2.25 2.68
CA VAL D 181 34.19 -0.84 2.97
C VAL D 181 33.85 -0.06 1.70
N LEU D 182 33.29 1.12 1.85
CA LEU D 182 32.99 2.00 0.72
C LEU D 182 34.03 3.12 0.72
N GLN D 183 34.84 3.17 -0.32
CA GLN D 183 35.98 4.07 -0.32
C GLN D 183 35.58 5.48 -0.79
N SER D 184 36.56 6.38 -0.73
CA SER D 184 36.36 7.76 -1.19
C SER D 184 36.07 7.80 -2.67
N SER D 185 36.65 6.87 -3.42
CA SER D 185 36.43 6.75 -4.86
C SER D 185 35.02 6.33 -5.22
N GLY D 186 34.19 5.95 -4.24
CA GLY D 186 32.92 5.35 -4.54
C GLY D 186 32.98 3.88 -4.92
N LEU D 187 34.16 3.25 -4.86
CA LEU D 187 34.29 1.82 -5.08
C LEU D 187 34.33 1.05 -3.76
N TYR D 188 33.83 -0.18 -3.80
CA TYR D 188 33.80 -1.08 -2.66
C TYR D 188 35.01 -2.02 -2.63
N SER D 189 35.38 -2.44 -1.42
CA SER D 189 36.37 -3.51 -1.23
C SER D 189 35.97 -4.35 -0.03
N LEU D 190 36.24 -5.64 -0.11
CA LEU D 190 36.06 -6.53 1.03
C LEU D 190 37.14 -7.59 1.04
N SER D 191 37.24 -8.30 2.16
CA SER D 191 38.15 -9.42 2.29
C SER D 191 37.41 -10.65 2.81
N SER D 192 37.93 -11.82 2.46
CA SER D 192 37.49 -13.08 3.04
C SER D 192 38.71 -13.79 3.62
N VAL D 193 38.55 -14.40 4.82
CA VAL D 193 39.61 -15.16 5.47
C VAL D 193 39.11 -16.53 5.90
N VAL D 194 40.01 -17.52 5.84
CA VAL D 194 39.76 -18.87 6.33
C VAL D 194 40.85 -19.23 7.31
N THR D 195 40.47 -19.89 8.41
CA THR D 195 41.41 -20.40 9.40
C THR D 195 41.65 -21.89 9.14
N VAL D 196 42.92 -22.22 8.92
CA VAL D 196 43.36 -23.48 8.34
C VAL D 196 44.39 -24.14 9.28
N PRO D 197 44.47 -25.47 9.31
CA PRO D 197 45.60 -26.13 9.99
C PRO D 197 46.91 -25.82 9.28
N SER D 198 47.81 -25.14 10.00
CA SER D 198 49.15 -24.88 9.48
C SER D 198 49.90 -26.17 9.13
N SER D 199 49.47 -27.31 9.68
CA SER D 199 49.97 -28.61 9.28
C SER D 199 49.96 -28.78 7.77
N SER D 200 48.77 -28.62 7.17
CA SER D 200 48.39 -28.84 5.77
C SER D 200 48.98 -27.83 4.81
N LEU D 201 49.64 -26.81 5.32
CA LEU D 201 49.76 -25.57 4.58
C LEU D 201 50.67 -25.72 3.37
N GLY D 202 51.48 -26.77 3.30
CA GLY D 202 52.29 -27.05 2.14
C GLY D 202 51.70 -28.08 1.20
N THR D 203 50.56 -28.66 1.54
CA THR D 203 49.96 -29.69 0.69
C THR D 203 48.58 -29.30 0.16
N GLN D 204 47.63 -28.92 1.03
CA GLN D 204 46.30 -28.59 0.54
C GLN D 204 46.35 -27.33 -0.31
N THR D 205 45.52 -27.27 -1.35
CA THR D 205 45.42 -26.06 -2.14
C THR D 205 44.21 -25.28 -1.63
N TYR D 206 44.36 -23.96 -1.56
CA TYR D 206 43.28 -23.09 -1.11
C TYR D 206 43.06 -22.08 -2.21
N ILE D 207 41.85 -22.08 -2.76
CA ILE D 207 41.47 -21.18 -3.84
C ILE D 207 40.23 -20.41 -3.39
N CYS D 208 40.25 -19.09 -3.54
CA CYS D 208 39.05 -18.32 -3.28
C CYS D 208 38.37 -18.02 -4.62
N ASN D 209 37.03 -18.07 -4.62
CA ASN D 209 36.24 -17.95 -5.85
C ASN D 209 35.41 -16.70 -5.68
N VAL D 210 35.60 -15.72 -6.55
CA VAL D 210 34.96 -14.41 -6.41
C VAL D 210 33.96 -14.28 -7.55
N ASN D 211 32.72 -13.90 -7.22
CA ASN D 211 31.67 -13.70 -8.21
C ASN D 211 31.08 -12.31 -8.00
N HIS D 212 31.23 -11.47 -9.01
CA HIS D 212 30.60 -10.14 -9.05
C HIS D 212 29.63 -10.16 -10.24
N LYS D 213 28.37 -10.49 -9.96
CA LYS D 213 27.40 -10.66 -11.05
C LYS D 213 27.15 -9.38 -11.85
N PRO D 214 26.99 -8.18 -11.26
CA PRO D 214 26.75 -6.99 -12.10
C PRO D 214 27.78 -6.78 -13.21
N SER D 215 29.04 -7.19 -13.01
CA SER D 215 30.04 -7.06 -14.06
C SER D 215 30.41 -8.39 -14.72
N ASN D 216 29.60 -9.45 -14.51
CA ASN D 216 29.88 -10.80 -15.04
C ASN D 216 31.32 -11.25 -14.78
N THR D 217 31.85 -10.90 -13.60
CA THR D 217 33.24 -11.15 -13.25
C THR D 217 33.35 -12.36 -12.32
N LYS D 218 34.07 -13.40 -12.75
CA LYS D 218 34.41 -14.56 -11.91
C LYS D 218 35.92 -14.74 -11.90
N VAL D 219 36.51 -14.74 -10.72
CA VAL D 219 37.96 -14.84 -10.56
C VAL D 219 38.27 -15.93 -9.55
N ASP D 220 39.29 -16.73 -9.86
CA ASP D 220 39.81 -17.74 -8.94
C ASP D 220 41.25 -17.38 -8.59
N LYS D 221 41.55 -17.27 -7.31
CA LYS D 221 42.88 -16.92 -6.86
C LYS D 221 43.39 -17.98 -5.90
N LYS D 222 44.46 -18.67 -6.28
CA LYS D 222 45.14 -19.57 -5.37
C LYS D 222 45.88 -18.78 -4.32
N VAL D 223 45.81 -19.25 -3.08
CA VAL D 223 46.47 -18.59 -1.97
C VAL D 223 47.50 -19.57 -1.42
N GLU D 224 48.74 -19.14 -1.35
CA GLU D 224 49.80 -20.03 -0.89
C GLU D 224 50.88 -19.21 -0.20
N PRO D 225 51.79 -19.87 0.54
CA PRO D 225 52.82 -19.12 1.29
C PRO D 225 53.85 -18.46 0.40
N LEU E 1 21.20 18.69 16.57
CA LEU E 1 20.97 18.46 18.01
C LEU E 1 21.91 17.39 18.54
N THR E 2 22.39 17.57 19.76
CA THR E 2 23.49 16.75 20.29
C THR E 2 22.95 15.65 21.18
N GLN E 3 23.26 14.40 20.81
CA GLN E 3 22.88 13.16 21.47
C GLN E 3 24.12 12.33 21.75
N PRO E 4 24.12 11.57 22.84
CA PRO E 4 25.22 10.62 23.04
C PRO E 4 25.31 9.65 21.88
N ALA E 5 26.52 9.44 21.38
CA ALA E 5 26.70 8.48 20.29
C ALA E 5 26.20 7.11 20.71
N SER E 6 26.44 6.74 21.97
CA SER E 6 26.20 5.39 22.40
C SER E 6 25.70 5.38 23.84
N VAL E 7 24.76 4.49 24.12
CA VAL E 7 24.30 4.20 25.47
C VAL E 7 24.08 2.70 25.55
N SER E 8 24.34 2.11 26.71
CA SER E 8 23.98 0.71 26.91
C SER E 8 23.41 0.51 28.30
N GLY E 9 22.69 -0.60 28.47
CA GLY E 9 22.20 -1.04 29.76
C GLY E 9 21.90 -2.52 29.70
N SER E 10 21.62 -3.10 30.89
CA SER E 10 21.31 -4.51 31.00
C SER E 10 19.79 -4.72 31.02
N PRO E 11 19.33 -5.95 30.77
CA PRO E 11 17.88 -6.18 30.78
C PRO E 11 17.28 -5.82 32.13
N GLY E 12 16.12 -5.18 32.10
CA GLY E 12 15.46 -4.74 33.30
C GLY E 12 15.95 -3.42 33.85
N GLN E 13 17.15 -3.00 33.47
CA GLN E 13 17.59 -1.68 33.88
C GLN E 13 16.73 -0.59 33.24
N SER E 14 16.91 0.61 33.74
CA SER E 14 16.31 1.81 33.21
C SER E 14 17.45 2.69 32.72
N ILE E 15 17.21 3.41 31.62
CA ILE E 15 18.33 4.03 30.93
C ILE E 15 17.82 5.37 30.40
N THR E 16 18.75 6.27 30.10
CA THR E 16 18.39 7.62 29.66
C THR E 16 19.21 8.00 28.45
N ILE E 17 18.60 8.80 27.56
CA ILE E 17 19.25 9.34 26.37
C ILE E 17 18.94 10.82 26.31
N SER E 18 19.99 11.65 26.30
CA SER E 18 19.82 13.10 26.32
C SER E 18 19.85 13.67 24.92
N CYS E 19 19.34 14.90 24.79
CA CYS E 19 19.23 15.56 23.49
C CYS E 19 19.35 17.06 23.74
N THR E 20 20.48 17.64 23.37
CA THR E 20 20.80 19.02 23.71
C THR E 20 20.70 19.90 22.47
N GLY E 21 19.88 20.95 22.58
CA GLY E 21 19.78 21.92 21.52
C GLY E 21 20.13 23.31 22.01
N THR E 22 19.57 24.32 21.36
CA THR E 22 19.76 25.73 21.66
C THR E 22 18.41 26.36 21.97
N SER E 23 18.45 27.60 22.47
CA SER E 23 17.24 28.33 22.75
C SER E 23 16.43 28.63 21.50
N SER E 24 17.00 28.39 20.33
CA SER E 24 16.26 28.53 19.08
C SER E 24 15.54 27.23 18.67
N ASP E 25 15.68 26.14 19.42
CA ASP E 25 14.89 24.95 19.10
C ASP E 25 14.33 24.26 20.35
N VAL E 26 15.07 23.36 20.99
CA VAL E 26 14.53 22.72 22.18
C VAL E 26 14.08 23.76 23.20
N GLY E 27 14.88 24.82 23.39
CA GLY E 27 14.60 25.79 24.43
C GLY E 27 13.41 26.69 24.16
N SER E 28 13.00 26.84 22.89
CA SER E 28 11.92 27.77 22.57
C SER E 28 10.54 27.12 22.49
N TYR E 29 10.45 25.80 22.29
CA TYR E 29 9.18 25.19 21.93
C TYR E 29 8.96 23.90 22.72
N ASN E 30 7.71 23.46 22.79
CA ASN E 30 7.39 22.13 23.31
C ASN E 30 7.10 21.15 22.17
N LEU E 31 8.00 21.16 21.19
CA LEU E 31 7.81 20.38 19.98
C LEU E 31 8.97 19.40 19.80
N VAL E 32 9.34 18.70 20.88
CA VAL E 32 10.35 17.65 20.80
C VAL E 32 9.66 16.32 20.54
N SER E 33 10.14 15.58 19.55
CA SER E 33 9.67 14.23 19.29
C SER E 33 10.85 13.27 19.27
N TRP E 34 10.56 11.97 19.49
CA TRP E 34 11.57 10.93 19.52
C TRP E 34 11.17 9.79 18.60
N TYR E 35 12.18 9.05 18.12
CA TYR E 35 12.02 8.02 17.10
C TYR E 35 12.91 6.82 17.42
N GLN E 36 12.32 5.64 17.35
CA GLN E 36 13.04 4.38 17.42
C GLN E 36 13.27 3.90 15.99
N GLN E 37 14.50 3.51 15.66
CA GLN E 37 14.79 2.96 14.35
C GLN E 37 15.55 1.66 14.52
N ARG E 38 15.01 0.63 14.02
CA ARG E 38 15.51 -0.73 13.93
C ARG E 38 16.30 -0.93 12.64
N PRO E 39 17.32 -1.83 12.64
CA PRO E 39 18.20 -1.98 11.47
C PRO E 39 17.46 -2.26 10.18
N GLY E 40 17.68 -1.42 9.17
CA GLY E 40 16.98 -1.59 7.90
C GLY E 40 15.50 -1.30 7.96
N LYS E 41 15.03 -0.58 8.96
CA LYS E 41 13.61 -0.25 9.06
C LYS E 41 13.45 1.27 9.10
N ALA E 42 12.26 1.74 8.75
CA ALA E 42 12.01 3.17 8.85
C ALA E 42 11.90 3.62 10.31
N PRO E 43 12.18 4.88 10.59
CA PRO E 43 11.91 5.41 11.93
C PRO E 43 10.45 5.19 12.33
N LYS E 44 10.24 5.15 13.65
CA LYS E 44 8.94 4.95 14.28
C LYS E 44 8.77 6.00 15.37
N LEU E 45 7.75 6.84 15.25
CA LEU E 45 7.47 7.85 16.26
C LEU E 45 7.11 7.21 17.61
N ILE E 46 7.81 7.59 18.68
CA ILE E 46 7.48 7.10 20.03
C ILE E 46 7.15 8.23 21.00
N LEU E 47 7.57 9.47 20.76
CA LEU E 47 7.19 10.57 21.64
C LEU E 47 7.01 11.82 20.82
N TYR E 48 6.03 12.65 21.19
CA TYR E 48 5.83 13.93 20.53
C TYR E 48 5.28 14.92 21.54
N GLU E 49 5.35 16.21 21.18
CA GLU E 49 5.04 17.32 22.10
C GLU E 49 5.71 17.08 23.46
N VAL E 50 6.97 16.64 23.40
CA VAL E 50 7.88 16.36 24.53
C VAL E 50 7.50 15.08 25.29
N THR E 51 6.23 14.96 25.70
CA THR E 51 5.82 13.90 26.63
C THR E 51 4.83 12.88 26.08
N LYS E 52 4.19 13.14 24.95
CA LYS E 52 3.02 12.36 24.56
C LYS E 52 3.43 11.12 23.77
N ARG E 53 2.87 9.95 24.16
CA ARG E 53 3.11 8.77 23.33
C ARG E 53 2.01 8.60 22.28
N PRO E 54 2.39 8.28 21.05
CA PRO E 54 1.42 7.76 20.09
C PRO E 54 0.69 6.54 20.65
N SER E 55 -0.60 6.44 20.36
CA SER E 55 -1.36 5.25 20.71
C SER E 55 -0.64 3.99 20.25
N GLY E 56 -0.46 3.04 21.17
CA GLY E 56 0.20 1.79 20.86
C GLY E 56 1.71 1.76 21.05
N VAL E 57 2.34 2.84 21.51
CA VAL E 57 3.76 2.86 21.83
C VAL E 57 3.91 2.60 23.32
N SER E 58 4.86 1.72 23.67
CA SER E 58 4.99 1.20 25.04
C SER E 58 5.14 2.32 26.07
N ASN E 59 4.41 2.17 27.19
CA ASN E 59 4.57 3.16 28.26
C ASN E 59 5.90 3.02 29.00
N ARG E 60 6.79 2.11 28.57
CA ARG E 60 8.14 2.10 29.10
C ARG E 60 8.98 3.24 28.54
N PHE E 61 8.49 3.91 27.51
CA PHE E 61 9.17 5.06 26.93
C PHE E 61 8.47 6.33 27.44
N SER E 62 9.26 7.29 27.90
CA SER E 62 8.72 8.55 28.38
C SER E 62 9.72 9.66 28.09
N GLY E 63 9.21 10.88 27.96
CA GLY E 63 10.03 12.00 27.59
C GLY E 63 9.85 13.16 28.55
N SER E 64 10.76 14.11 28.45
CA SER E 64 10.78 15.32 29.27
C SER E 64 11.83 16.25 28.69
N LYS E 65 11.92 17.46 29.27
CA LYS E 65 12.70 18.55 28.72
C LYS E 65 13.08 19.50 29.85
N SER E 66 14.23 20.15 29.71
CA SER E 66 14.70 21.08 30.74
C SER E 66 15.66 22.06 30.09
N GLY E 67 15.28 23.32 30.03
CA GLY E 67 16.09 24.27 29.30
C GLY E 67 16.26 23.82 27.86
N ASN E 68 17.51 23.63 27.43
CA ASN E 68 17.79 23.32 26.04
C ASN E 68 18.02 21.83 25.82
N THR E 69 17.68 20.99 26.79
CA THR E 69 18.02 19.58 26.75
C THR E 69 16.79 18.73 27.03
N ALA E 70 16.45 17.86 26.08
CA ALA E 70 15.38 16.88 26.24
C ALA E 70 15.98 15.54 26.60
N SER E 71 15.16 14.68 27.20
CA SER E 71 15.60 13.34 27.56
C SER E 71 14.52 12.33 27.22
N LEU E 72 14.97 11.18 26.73
CA LEU E 72 14.17 10.00 26.55
C LEU E 72 14.51 9.04 27.68
N ALA E 73 13.50 8.46 28.30
CA ALA E 73 13.70 7.49 29.35
C ALA E 73 13.09 6.16 28.92
N ILE E 74 13.80 5.07 29.23
CA ILE E 74 13.31 3.72 28.98
C ILE E 74 13.46 2.93 30.27
N SER E 75 12.39 2.28 30.69
CA SER E 75 12.40 1.46 31.88
C SER E 75 12.23 0.00 31.49
N GLY E 76 12.73 -0.89 32.34
CA GLY E 76 12.60 -2.31 32.08
C GLY E 76 13.15 -2.70 30.73
N LEU E 77 14.40 -2.34 30.47
CA LEU E 77 15.03 -2.56 29.17
C LEU E 77 14.79 -3.96 28.68
N GLN E 78 14.21 -4.07 27.48
CA GLN E 78 14.02 -5.33 26.80
C GLN E 78 14.98 -5.43 25.62
N ALA E 79 15.28 -6.67 25.22
CA ALA E 79 16.15 -6.91 24.08
C ALA E 79 15.63 -6.22 22.82
N GLU E 80 14.30 -6.17 22.65
CA GLU E 80 13.72 -5.49 21.50
C GLU E 80 13.99 -3.99 21.52
N ASP E 81 14.42 -3.43 22.66
CA ASP E 81 14.69 -2.00 22.74
C ASP E 81 16.02 -1.63 22.09
N GLU E 82 16.85 -2.59 21.73
CA GLU E 82 18.10 -2.30 21.02
C GLU E 82 17.79 -1.72 19.65
N ALA E 83 18.31 -0.53 19.35
CA ALA E 83 17.98 0.22 18.15
C ALA E 83 18.66 1.59 18.17
N ASP E 84 18.49 2.38 17.11
CA ASP E 84 18.89 3.79 17.11
C ASP E 84 17.70 4.64 17.54
N TYR E 85 17.99 5.69 18.31
CA TYR E 85 16.97 6.61 18.79
C TYR E 85 17.38 8.01 18.35
N TYR E 86 16.44 8.75 17.77
CA TYR E 86 16.66 10.12 17.34
C TYR E 86 15.66 11.03 18.02
N CYS E 87 16.15 12.20 18.44
CA CYS E 87 15.29 13.27 18.89
C CYS E 87 15.09 14.27 17.77
N CYS E 88 13.99 15.01 17.86
CA CYS E 88 13.65 15.98 16.85
C CYS E 88 13.00 17.19 17.52
N SER E 89 13.24 18.36 16.96
CA SER E 89 12.59 19.56 17.47
C SER E 89 12.23 20.46 16.31
N TYR E 90 11.15 21.22 16.52
CA TYR E 90 10.88 22.43 15.75
C TYR E 90 12.09 23.36 15.83
N ALA E 91 12.38 24.03 14.72
CA ALA E 91 13.55 24.90 14.61
C ALA E 91 13.19 26.30 14.13
N GLY E 92 11.92 26.69 14.25
CA GLY E 92 11.49 27.99 13.80
C GLY E 92 11.19 28.05 12.32
N SER E 93 10.24 28.91 11.95
CA SER E 93 9.89 29.19 10.56
C SER E 93 9.66 27.92 9.76
N SER E 94 8.90 26.98 10.35
CA SER E 94 8.42 25.79 9.64
C SER E 94 9.57 24.85 9.22
N THR E 95 10.61 24.76 10.06
CA THR E 95 11.73 23.87 9.82
C THR E 95 11.87 22.94 11.01
N TRP E 96 12.54 21.82 10.78
CA TRP E 96 12.71 20.79 11.79
C TRP E 96 14.17 20.36 11.77
N VAL E 97 14.66 19.86 12.89
CA VAL E 97 16.05 19.42 12.96
C VAL E 97 16.13 18.19 13.86
N PHE E 98 16.85 17.17 13.40
CA PHE E 98 17.01 15.93 14.12
C PHE E 98 18.30 15.94 14.90
N GLY E 99 18.33 15.19 15.99
CA GLY E 99 19.58 14.87 16.63
C GLY E 99 20.41 13.93 15.79
N GLY E 100 21.66 13.77 16.19
CA GLY E 100 22.51 12.86 15.46
C GLY E 100 22.25 11.39 15.73
N GLY E 101 21.50 11.08 16.77
CA GLY E 101 21.14 9.69 16.98
C GLY E 101 21.96 9.04 18.07
N THR E 102 21.38 8.02 18.71
CA THR E 102 22.03 7.29 19.78
C THR E 102 21.85 5.82 19.52
N LYS E 103 22.94 5.06 19.58
CA LYS E 103 22.84 3.61 19.48
C LYS E 103 22.73 3.02 20.88
N LEU E 104 21.60 2.37 21.16
CA LEU E 104 21.36 1.74 22.45
C LEU E 104 21.61 0.25 22.33
N THR E 105 22.45 -0.27 23.23
CA THR E 105 22.77 -1.68 23.29
C THR E 105 22.17 -2.26 24.56
N VAL E 106 21.37 -3.30 24.43
CA VAL E 106 20.86 -4.03 25.59
C VAL E 106 21.76 -5.24 25.75
N LEU E 107 22.64 -5.19 26.76
CA LEU E 107 23.62 -6.24 27.00
C LEU E 107 22.96 -7.60 27.18
N GLY E 108 23.19 -8.51 26.25
CA GLY E 108 22.47 -9.76 26.26
C GLY E 108 23.40 -10.96 26.31
N GLN E 109 24.69 -10.68 26.47
CA GLN E 109 25.69 -11.72 26.45
C GLN E 109 26.95 -11.17 27.09
N PRO E 110 27.91 -12.02 27.42
CA PRO E 110 29.09 -11.54 28.12
C PRO E 110 30.09 -10.89 27.19
N LYS E 111 31.11 -10.36 27.85
CA LYS E 111 31.91 -9.33 27.23
C LYS E 111 33.03 -10.06 26.46
N ALA E 112 33.46 -9.47 25.36
CA ALA E 112 34.33 -10.23 24.48
C ALA E 112 35.32 -9.35 23.74
N ALA E 113 36.59 -9.72 23.81
CA ALA E 113 37.62 -8.94 23.16
C ALA E 113 37.68 -9.26 21.67
N PRO E 114 38.02 -8.27 20.85
CA PRO E 114 38.15 -8.54 19.42
C PRO E 114 39.37 -9.40 19.14
N SER E 115 39.18 -10.39 18.27
CA SER E 115 40.28 -11.11 17.64
C SER E 115 40.69 -10.36 16.38
N VAL E 116 42.00 -10.21 16.17
CA VAL E 116 42.55 -9.34 15.13
C VAL E 116 43.54 -10.11 14.27
N THR E 117 43.45 -9.90 12.95
CA THR E 117 44.32 -10.53 11.96
C THR E 117 44.73 -9.45 10.95
N LEU E 118 46.04 -9.24 10.79
CA LEU E 118 46.59 -8.19 9.93
C LEU E 118 47.38 -8.80 8.79
N PHE E 119 47.02 -8.46 7.55
CA PHE E 119 47.75 -8.95 6.38
C PHE E 119 48.55 -7.82 5.76
N PRO E 120 49.82 -8.07 5.42
CA PRO E 120 50.60 -7.09 4.65
C PRO E 120 50.14 -7.08 3.20
N PRO E 121 50.58 -6.09 2.41
CA PRO E 121 50.30 -6.10 0.97
C PRO E 121 50.82 -7.37 0.32
N SER E 122 50.03 -7.93 -0.59
CA SER E 122 50.50 -9.06 -1.38
C SER E 122 51.57 -8.62 -2.37
N SER E 123 52.36 -9.58 -2.84
CA SER E 123 53.39 -9.24 -3.82
C SER E 123 52.78 -8.93 -5.19
N GLU E 124 51.65 -9.55 -5.53
CA GLU E 124 50.97 -9.20 -6.78
C GLU E 124 50.41 -7.78 -6.74
N GLU E 125 49.85 -7.35 -5.61
CA GLU E 125 49.41 -5.95 -5.52
C GLU E 125 50.60 -5.01 -5.58
N LEU E 126 51.69 -5.36 -4.89
CA LEU E 126 52.89 -4.53 -4.96
C LEU E 126 53.45 -4.48 -6.39
N GLN E 127 53.38 -5.60 -7.13
CA GLN E 127 53.83 -5.53 -8.51
C GLN E 127 52.87 -4.69 -9.35
N ALA E 128 51.59 -4.62 -8.96
CA ALA E 128 50.65 -3.71 -9.60
C ALA E 128 50.77 -2.28 -9.09
N ASN E 129 51.78 -1.97 -8.28
CA ASN E 129 52.09 -0.60 -7.84
C ASN E 129 51.00 0.01 -6.95
N LYS E 130 50.21 -0.82 -6.28
CA LYS E 130 49.38 -0.40 -5.16
C LYS E 130 49.74 -1.22 -3.93
N ALA E 131 49.19 -0.86 -2.78
CA ALA E 131 49.55 -1.55 -1.55
C ALA E 131 48.47 -1.27 -0.51
N THR E 132 47.93 -2.36 0.03
CA THR E 132 46.80 -2.32 0.95
C THR E 132 47.10 -3.20 2.15
N LEU E 133 47.02 -2.63 3.36
CA LEU E 133 47.07 -3.44 4.57
C LEU E 133 45.64 -3.68 5.02
N VAL E 134 45.39 -4.90 5.48
CA VAL E 134 44.05 -5.42 5.70
C VAL E 134 43.98 -5.92 7.13
N CYS E 135 43.23 -5.22 7.96
CA CYS E 135 43.15 -5.52 9.38
C CYS E 135 41.73 -6.00 9.66
N LEU E 136 41.59 -7.25 10.06
CA LEU E 136 40.28 -7.88 10.20
C LEU E 136 39.96 -8.09 11.67
N ILE E 137 38.84 -7.52 12.10
CA ILE E 137 38.45 -7.45 13.51
C ILE E 137 37.18 -8.28 13.68
N SER E 138 37.23 -9.23 14.62
CA SER E 138 36.26 -10.31 14.65
C SER E 138 35.88 -10.65 16.09
N ASP E 139 34.62 -11.05 16.27
CA ASP E 139 34.13 -11.70 17.49
C ASP E 139 34.10 -10.77 18.70
N PHE E 140 33.84 -9.48 18.53
CA PHE E 140 33.79 -8.62 19.70
C PHE E 140 32.35 -8.28 20.09
N TYR E 141 32.15 -8.02 21.39
CA TYR E 141 30.87 -7.63 22.00
C TYR E 141 31.16 -6.72 23.19
N PRO E 142 30.48 -5.57 23.30
CA PRO E 142 29.45 -5.09 22.38
C PRO E 142 30.03 -4.48 21.07
N GLY E 143 29.15 -4.17 20.12
CA GLY E 143 29.55 -3.84 18.76
C GLY E 143 30.08 -2.43 18.56
N ALA E 144 31.25 -2.14 19.12
CA ALA E 144 31.87 -0.83 18.97
C ALA E 144 33.36 -0.97 19.23
N VAL E 145 34.18 -0.44 18.32
CA VAL E 145 35.63 -0.44 18.43
C VAL E 145 36.14 0.87 17.83
N THR E 146 37.38 1.19 18.12
CA THR E 146 38.11 2.15 17.32
C THR E 146 39.41 1.51 16.86
N VAL E 147 39.84 1.86 15.66
CA VAL E 147 41.01 1.30 15.04
C VAL E 147 42.00 2.43 14.85
N ALA E 148 43.27 2.15 15.14
CA ALA E 148 44.34 3.12 14.96
C ALA E 148 45.46 2.43 14.22
N TRP E 149 46.10 3.17 13.33
CA TRP E 149 47.15 2.65 12.47
C TRP E 149 48.45 3.40 12.74
N LYS E 150 49.58 2.68 12.68
CA LYS E 150 50.88 3.24 12.99
C LYS E 150 51.90 2.81 11.95
N ALA E 151 52.77 3.74 11.57
CA ALA E 151 54.00 3.45 10.81
C ALA E 151 55.18 3.75 11.71
N ASP E 152 55.93 2.71 12.10
CA ASP E 152 57.23 2.87 12.75
C ASP E 152 57.16 3.61 14.08
N SER E 153 56.09 3.36 14.85
CA SER E 153 55.78 3.93 16.19
C SER E 153 54.96 5.21 16.07
N SER E 154 54.79 5.77 14.85
CA SER E 154 54.13 7.05 14.60
C SER E 154 52.72 6.85 14.05
N PRO E 155 51.73 7.64 14.49
CA PRO E 155 50.38 7.48 13.96
C PRO E 155 50.32 7.76 12.46
N VAL E 156 49.34 7.12 11.82
CA VAL E 156 49.04 7.29 10.40
C VAL E 156 47.53 7.38 10.27
N LYS E 157 47.05 8.42 9.60
CA LYS E 157 45.63 8.55 9.37
C LYS E 157 45.28 8.80 7.91
N ALA E 158 46.26 9.11 7.07
CA ALA E 158 46.01 9.21 5.63
C ALA E 158 45.81 7.82 5.03
N GLY E 159 44.75 7.66 4.26
CA GLY E 159 44.48 6.41 3.58
C GLY E 159 43.89 5.31 4.43
N VAL E 160 43.10 5.67 5.44
CA VAL E 160 42.50 4.74 6.38
C VAL E 160 41.00 4.71 6.12
N GLU E 161 40.46 3.53 5.84
CA GLU E 161 39.02 3.38 5.72
C GLU E 161 38.55 2.18 6.52
N THR E 162 37.53 2.41 7.36
CA THR E 162 37.07 1.45 8.36
C THR E 162 35.57 1.33 8.24
N THR E 163 35.07 0.09 8.34
CA THR E 163 33.65 -0.18 8.26
C THR E 163 32.99 0.04 9.61
N THR E 164 31.68 0.27 9.59
CA THR E 164 30.89 0.13 10.79
C THR E 164 30.83 -1.34 11.20
N PRO E 165 30.55 -1.63 12.47
CA PRO E 165 30.48 -3.04 12.89
C PRO E 165 29.24 -3.68 12.34
N SER E 166 29.29 -5.01 12.22
CA SER E 166 28.17 -5.74 11.67
C SER E 166 27.89 -6.93 12.56
N LYS E 167 26.62 -7.08 12.92
CA LYS E 167 26.22 -8.26 13.65
C LYS E 167 26.57 -9.50 12.85
N GLN E 168 27.10 -10.47 13.58
CA GLN E 168 27.78 -11.70 13.21
C GLN E 168 26.96 -12.91 13.59
N SER E 169 27.31 -14.04 13.00
CA SER E 169 26.46 -15.22 13.10
C SER E 169 26.38 -15.80 14.53
N ASN E 170 27.25 -15.39 15.45
CA ASN E 170 27.16 -15.81 16.85
C ASN E 170 26.64 -14.69 17.74
N ASN E 171 26.17 -13.60 17.14
CA ASN E 171 25.62 -12.38 17.75
C ASN E 171 26.73 -11.50 18.33
N LYS E 172 28.01 -11.86 18.15
CA LYS E 172 29.11 -10.93 18.39
C LYS E 172 29.24 -10.03 17.16
N TYR E 173 30.30 -9.22 17.09
CA TYR E 173 30.40 -8.24 16.00
C TYR E 173 31.74 -8.33 15.28
N ALA E 174 31.74 -7.85 14.04
CA ALA E 174 32.90 -7.88 13.16
C ALA E 174 33.08 -6.53 12.49
N ALA E 175 34.31 -6.27 12.04
CA ALA E 175 34.65 -5.02 11.37
C ALA E 175 35.99 -5.20 10.66
N SER E 176 36.31 -4.26 9.79
CA SER E 176 37.60 -4.31 9.10
C SER E 176 38.04 -2.90 8.76
N SER E 177 39.37 -2.71 8.74
CA SER E 177 39.96 -1.43 8.42
C SER E 177 41.07 -1.66 7.39
N TYR E 178 41.23 -0.73 6.48
CA TYR E 178 42.19 -0.86 5.39
C TYR E 178 43.07 0.37 5.34
N LEU E 179 44.37 0.15 5.15
CA LEU E 179 45.34 1.23 5.02
C LEU E 179 45.91 1.21 3.60
N SER E 180 45.75 2.32 2.88
CA SER E 180 46.28 2.45 1.53
C SER E 180 47.64 3.12 1.60
N LEU E 181 48.62 2.52 0.93
CA LEU E 181 49.97 3.05 0.87
C LEU E 181 50.47 2.97 -0.56
N THR E 182 51.50 3.77 -0.85
CA THR E 182 52.32 3.50 -2.03
C THR E 182 53.26 2.34 -1.70
N PRO E 183 53.68 1.57 -2.71
CA PRO E 183 54.72 0.55 -2.47
C PRO E 183 55.99 1.13 -1.84
N GLU E 184 56.17 2.45 -1.99
CA GLU E 184 57.36 3.11 -1.47
C GLU E 184 57.25 3.33 0.05
N GLN E 185 56.11 3.83 0.52
CA GLN E 185 55.89 3.95 1.97
C GLN E 185 55.93 2.58 2.65
N TRP E 186 55.34 1.57 2.01
CA TRP E 186 55.35 0.24 2.61
C TRP E 186 56.77 -0.23 2.85
N LYS E 187 57.64 -0.09 1.83
CA LYS E 187 59.02 -0.56 1.91
C LYS E 187 59.92 0.31 2.78
N SER E 188 59.55 1.59 2.98
CA SER E 188 60.42 2.57 3.64
C SER E 188 60.18 2.68 5.14
N HIS E 189 59.48 1.71 5.74
CA HIS E 189 59.22 1.73 7.17
C HIS E 189 59.59 0.37 7.74
N ARG E 190 59.98 0.36 9.01
CA ARG E 190 60.33 -0.90 9.66
C ARG E 190 59.10 -1.80 9.75
N SER E 191 57.95 -1.22 10.13
CA SER E 191 56.75 -2.02 10.32
C SER E 191 55.52 -1.10 10.28
N TYR E 192 54.35 -1.73 10.20
CA TYR E 192 53.06 -1.06 10.31
C TYR E 192 52.16 -1.87 11.22
N SER E 193 51.22 -1.18 11.88
CA SER E 193 50.39 -1.80 12.90
C SER E 193 48.97 -1.27 12.83
N CYS E 194 47.99 -2.11 13.14
CA CYS E 194 46.65 -1.60 13.46
C CYS E 194 46.38 -1.95 14.93
N GLN E 195 46.01 -0.94 15.71
CA GLN E 195 45.60 -1.15 17.09
C GLN E 195 44.09 -1.10 17.14
N VAL E 196 43.50 -2.11 17.76
CA VAL E 196 42.07 -2.17 17.94
C VAL E 196 41.81 -1.92 19.42
N THR E 197 41.09 -0.84 19.72
CA THR E 197 40.70 -0.48 21.07
C THR E 197 39.25 -0.90 21.30
N HIS E 198 38.99 -1.58 22.41
CA HIS E 198 37.66 -2.11 22.69
C HIS E 198 37.45 -2.17 24.19
N GLU E 199 36.49 -1.40 24.70
CA GLU E 199 36.18 -1.37 26.12
C GLU E 199 37.46 -1.18 26.93
N GLY E 200 38.23 -0.17 26.55
CA GLY E 200 39.49 0.15 27.21
C GLY E 200 40.70 -0.62 26.73
N SER E 201 40.52 -1.90 26.43
CA SER E 201 41.65 -2.76 26.05
C SER E 201 42.04 -2.50 24.61
N THR E 202 43.35 -2.45 24.37
CA THR E 202 43.92 -2.18 23.05
C THR E 202 44.69 -3.41 22.60
N VAL E 203 44.26 -4.00 21.49
CA VAL E 203 44.92 -5.16 20.88
C VAL E 203 45.61 -4.65 19.61
N GLU E 204 46.89 -5.03 19.44
CA GLU E 204 47.67 -4.55 18.31
C GLU E 204 48.28 -5.72 17.57
N LYS E 205 48.34 -5.62 16.23
CA LYS E 205 49.09 -6.53 15.40
C LYS E 205 49.99 -5.71 14.48
N THR E 206 51.11 -6.31 14.07
CA THR E 206 52.15 -5.62 13.33
C THR E 206 52.71 -6.52 12.24
N VAL E 207 53.03 -5.92 11.09
CA VAL E 207 53.62 -6.65 9.96
C VAL E 207 54.72 -5.79 9.38
N ALA E 208 55.57 -6.42 8.56
CA ALA E 208 56.76 -5.76 8.04
C ALA E 208 57.01 -6.26 6.62
N PRO E 209 57.85 -5.55 5.84
CA PRO E 209 58.37 -6.10 4.56
C PRO E 209 59.52 -7.08 4.77
N THR F 15 -44.41 56.35 -4.04
CA THR F 15 -44.96 55.86 -5.31
C THR F 15 -44.21 54.66 -5.90
N ASN F 16 -42.94 54.89 -6.27
CA ASN F 16 -42.14 53.87 -6.96
C ASN F 16 -41.91 52.64 -6.08
N LEU F 17 -42.07 51.45 -6.66
CA LEU F 17 -41.96 50.22 -5.87
C LEU F 17 -40.50 49.80 -5.73
N CYS F 18 -40.20 49.17 -4.59
CA CYS F 18 -38.81 48.86 -4.23
C CYS F 18 -38.19 47.90 -5.24
N PRO F 19 -36.97 48.16 -5.69
CA PRO F 19 -36.32 47.30 -6.71
C PRO F 19 -35.70 46.06 -6.09
N PHE F 20 -36.55 45.14 -5.63
CA PHE F 20 -36.04 43.93 -5.00
C PHE F 20 -35.20 43.12 -5.96
N GLY F 21 -35.51 43.16 -7.26
CA GLY F 21 -34.73 42.41 -8.24
C GLY F 21 -33.28 42.85 -8.28
N GLU F 22 -32.99 44.07 -7.85
CA GLU F 22 -31.63 44.57 -7.80
C GLU F 22 -30.73 43.65 -6.96
N VAL F 23 -31.26 43.09 -5.88
CA VAL F 23 -30.53 42.16 -5.04
C VAL F 23 -30.82 40.71 -5.41
N PHE F 24 -32.10 40.35 -5.60
CA PHE F 24 -32.47 38.95 -5.83
C PHE F 24 -32.01 38.46 -7.19
N ASN F 25 -32.23 39.26 -8.25
CA ASN F 25 -31.86 38.85 -9.59
C ASN F 25 -30.52 39.43 -10.04
N ALA F 26 -29.68 39.86 -9.10
CA ALA F 26 -28.34 40.31 -9.45
C ALA F 26 -27.54 39.16 -10.06
N THR F 27 -26.63 39.50 -10.97
CA THR F 27 -25.93 38.47 -11.74
C THR F 27 -24.71 37.91 -11.02
N ARG F 28 -23.99 38.73 -10.26
CA ARG F 28 -22.96 38.24 -9.36
C ARG F 28 -23.41 38.44 -7.92
N PHE F 29 -22.96 37.54 -7.04
CA PHE F 29 -23.26 37.64 -5.63
C PHE F 29 -21.95 37.73 -4.85
N ALA F 30 -22.02 38.35 -3.68
CA ALA F 30 -20.84 38.41 -2.81
C ALA F 30 -20.48 37.03 -2.27
N SER F 31 -19.20 36.87 -1.91
CA SER F 31 -18.78 35.80 -1.01
C SER F 31 -19.31 36.07 0.39
N VAL F 32 -19.69 35.00 1.10
CA VAL F 32 -20.29 35.17 2.42
C VAL F 32 -19.36 35.93 3.37
N TYR F 33 -18.04 35.75 3.26
CA TYR F 33 -17.13 36.50 4.12
C TYR F 33 -17.15 37.99 3.78
N ALA F 34 -17.44 38.35 2.53
CA ALA F 34 -17.58 39.75 2.14
C ALA F 34 -19.02 40.04 1.75
N TRP F 35 -19.97 39.59 2.58
CA TRP F 35 -21.38 39.67 2.25
C TRP F 35 -21.81 41.12 1.99
N ASN F 36 -22.55 41.31 0.90
CA ASN F 36 -22.98 42.66 0.52
C ASN F 36 -24.21 43.08 1.34
N ARG F 37 -24.33 44.39 1.52
CA ARG F 37 -25.53 45.00 2.10
C ARG F 37 -25.99 46.11 1.16
N LYS F 38 -27.23 46.03 0.70
CA LYS F 38 -27.88 47.13 -0.01
C LYS F 38 -29.01 47.65 0.85
N ARG F 39 -29.00 48.95 1.15
CA ARG F 39 -30.10 49.53 1.88
C ARG F 39 -31.21 49.92 0.91
N ILE F 40 -32.45 49.73 1.35
CA ILE F 40 -33.63 49.99 0.54
C ILE F 40 -34.46 51.03 1.27
N SER F 41 -34.90 52.06 0.55
CA SER F 41 -35.64 53.14 1.17
C SER F 41 -36.41 53.90 0.11
N ASN F 42 -37.35 54.73 0.58
CA ASN F 42 -38.15 55.62 -0.27
C ASN F 42 -38.80 54.86 -1.42
N CYS F 43 -39.60 53.86 -1.04
CA CYS F 43 -40.22 52.99 -2.02
C CYS F 43 -41.32 52.19 -1.34
N VAL F 44 -42.22 51.68 -2.17
CA VAL F 44 -43.32 50.82 -1.70
C VAL F 44 -42.85 49.38 -1.87
N ALA F 45 -42.87 48.61 -0.78
CA ALA F 45 -42.37 47.23 -0.77
C ALA F 45 -43.54 46.27 -0.59
N ASP F 46 -43.79 45.43 -1.59
CA ASP F 46 -44.78 44.39 -1.48
C ASP F 46 -44.10 43.05 -1.19
N TYR F 47 -44.27 42.57 0.05
CA TYR F 47 -43.55 41.38 0.50
C TYR F 47 -44.26 40.09 0.07
N SER F 48 -45.59 40.04 0.16
CA SER F 48 -46.32 38.89 -0.37
C SER F 48 -45.99 38.66 -1.85
N VAL F 49 -45.79 39.74 -2.61
CA VAL F 49 -45.39 39.59 -4.01
C VAL F 49 -43.96 39.07 -4.11
N LEU F 50 -43.06 39.57 -3.25
CA LEU F 50 -41.72 39.00 -3.22
C LEU F 50 -41.75 37.54 -2.80
N TYR F 51 -42.61 37.18 -1.84
CA TYR F 51 -42.74 35.79 -1.43
C TYR F 51 -43.11 34.90 -2.62
N ASN F 52 -44.05 35.35 -3.45
CA ASN F 52 -44.50 34.57 -4.60
C ASN F 52 -43.63 34.80 -5.84
N SER F 53 -42.56 35.59 -5.74
CA SER F 53 -41.63 35.82 -6.85
C SER F 53 -41.09 34.55 -7.44
N ALA F 54 -40.92 33.50 -6.63
CA ALA F 54 -40.29 32.27 -7.08
C ALA F 54 -40.70 31.17 -6.11
N SER F 55 -40.13 29.98 -6.33
CA SER F 55 -40.25 28.91 -5.37
C SER F 55 -38.93 28.78 -4.61
N PHE F 56 -38.69 29.79 -3.75
CA PHE F 56 -37.55 29.76 -2.84
C PHE F 56 -37.61 28.50 -1.99
N SER F 57 -36.46 27.83 -1.86
CA SER F 57 -36.41 26.62 -1.03
C SER F 57 -36.45 26.96 0.45
N THR F 58 -36.09 28.19 0.81
CA THR F 58 -36.21 28.70 2.16
C THR F 58 -36.79 30.11 2.11
N PHE F 59 -37.86 30.32 2.86
CA PHE F 59 -38.44 31.66 3.05
C PHE F 59 -38.95 31.72 4.48
N LYS F 60 -38.11 32.22 5.38
CA LYS F 60 -38.32 32.10 6.82
C LYS F 60 -38.27 33.50 7.44
N CYS F 61 -39.37 33.92 8.07
CA CYS F 61 -39.42 35.21 8.75
C CYS F 61 -39.55 34.98 10.24
N TYR F 62 -38.77 35.74 11.02
CA TYR F 62 -38.72 35.55 12.46
C TYR F 62 -39.56 36.56 13.24
N GLY F 63 -39.87 37.72 12.65
CA GLY F 63 -40.90 38.60 13.17
C GLY F 63 -42.29 38.27 12.66
N VAL F 64 -43.04 39.26 12.18
CA VAL F 64 -44.36 38.98 11.61
C VAL F 64 -44.18 38.40 10.21
N SER F 65 -45.20 37.64 9.77
CA SER F 65 -45.14 36.93 8.50
C SER F 65 -45.13 37.92 7.34
N PRO F 66 -44.81 37.47 6.12
CA PRO F 66 -44.87 38.38 4.95
C PRO F 66 -46.21 39.10 4.80
N THR F 67 -47.32 38.41 5.05
CA THR F 67 -48.64 39.03 4.94
C THR F 67 -48.80 40.16 5.95
N LYS F 68 -48.57 39.88 7.23
CA LYS F 68 -48.66 40.91 8.26
C LYS F 68 -47.64 42.05 8.04
N LEU F 69 -46.68 41.88 7.14
CA LEU F 69 -45.49 42.71 7.08
C LEU F 69 -45.57 43.82 6.04
N ASN F 70 -46.31 43.64 4.95
CA ASN F 70 -46.54 44.77 4.06
C ASN F 70 -47.67 45.66 4.54
N ASP F 71 -48.26 45.34 5.70
CA ASP F 71 -49.14 46.25 6.42
C ASP F 71 -48.37 47.08 7.45
N LEU F 72 -47.04 47.13 7.35
CA LEU F 72 -46.21 47.89 8.28
C LEU F 72 -45.30 48.84 7.49
N CYS F 73 -44.68 49.77 8.20
CA CYS F 73 -43.72 50.71 7.63
C CYS F 73 -42.45 50.73 8.47
N PHE F 74 -41.30 50.85 7.81
CA PHE F 74 -40.01 50.90 8.51
C PHE F 74 -39.20 52.06 7.95
N THR F 75 -38.14 52.42 8.68
CA THR F 75 -37.26 53.50 8.24
C THR F 75 -36.40 53.08 7.06
N ASN F 76 -35.83 51.88 7.12
CA ASN F 76 -35.05 51.28 6.05
C ASN F 76 -35.20 49.78 6.12
N VAL F 77 -35.14 49.14 4.97
CA VAL F 77 -34.96 47.71 4.88
C VAL F 77 -33.53 47.48 4.39
N TYR F 78 -32.92 46.39 4.86
CA TYR F 78 -31.58 45.99 4.45
C TYR F 78 -31.62 44.60 3.83
N ALA F 79 -30.98 44.45 2.69
CA ALA F 79 -30.88 43.18 2.00
C ALA F 79 -29.42 42.78 2.00
N ASP F 80 -29.07 41.81 2.84
CA ASP F 80 -27.75 41.20 2.84
C ASP F 80 -27.79 39.98 1.92
N SER F 81 -26.78 39.84 1.06
CA SER F 81 -26.78 38.77 0.07
C SER F 81 -25.37 38.21 -0.07
N PHE F 82 -25.31 36.91 -0.36
CA PHE F 82 -24.06 36.14 -0.40
C PHE F 82 -24.41 34.70 -0.81
N VAL F 83 -23.36 33.94 -1.12
CA VAL F 83 -23.49 32.56 -1.56
C VAL F 83 -22.81 31.65 -0.53
N ILE F 84 -23.50 30.56 -0.18
CA ILE F 84 -22.96 29.54 0.72
C ILE F 84 -23.29 28.17 0.14
N ARG F 85 -22.80 27.15 0.82
CA ARG F 85 -23.09 25.76 0.50
C ARG F 85 -24.47 25.38 1.02
N GLY F 86 -25.14 24.46 0.31
CA GLY F 86 -26.50 24.12 0.67
C GLY F 86 -26.64 23.65 2.12
N ASP F 87 -25.67 22.85 2.59
CA ASP F 87 -25.76 22.30 3.94
C ASP F 87 -25.37 23.31 5.01
N GLU F 88 -25.03 24.53 4.61
CA GLU F 88 -24.76 25.61 5.55
C GLU F 88 -25.93 26.56 5.69
N VAL F 89 -26.96 26.46 4.85
CA VAL F 89 -28.09 27.38 4.92
C VAL F 89 -28.72 27.38 6.31
N ARG F 90 -28.77 26.20 6.95
CA ARG F 90 -29.32 26.07 8.30
C ARG F 90 -28.60 26.98 9.31
N GLN F 91 -27.37 27.40 9.03
CA GLN F 91 -26.66 28.31 9.93
C GLN F 91 -27.10 29.76 9.78
N ILE F 92 -27.83 30.10 8.71
CA ILE F 92 -28.34 31.47 8.60
C ILE F 92 -29.67 31.53 9.34
N ALA F 93 -29.58 31.53 10.67
CA ALA F 93 -30.72 31.57 11.57
C ALA F 93 -30.19 32.01 12.93
N PRO F 94 -31.01 32.67 13.74
CA PRO F 94 -30.52 33.07 15.08
C PRO F 94 -30.24 31.84 15.94
N GLY F 95 -29.16 31.92 16.72
CA GLY F 95 -28.83 30.88 17.68
C GLY F 95 -28.05 29.72 17.14
N GLN F 96 -27.57 29.81 15.91
CA GLN F 96 -26.87 28.70 15.29
C GLN F 96 -25.38 28.82 15.54
N THR F 97 -24.70 27.69 15.38
CA THR F 97 -23.25 27.63 15.50
C THR F 97 -22.70 26.97 14.25
N GLY F 98 -21.40 27.17 14.01
CA GLY F 98 -20.76 26.67 12.81
C GLY F 98 -19.86 27.72 12.20
N LYS F 99 -19.16 27.32 11.13
CA LYS F 99 -18.16 28.17 10.50
C LYS F 99 -18.80 29.42 9.93
N ILE F 100 -19.97 29.26 9.28
CA ILE F 100 -20.62 30.41 8.66
C ILE F 100 -21.22 31.32 9.74
N ALA F 101 -22.04 30.76 10.62
CA ALA F 101 -22.71 31.56 11.64
C ALA F 101 -21.71 32.26 12.55
N ASP F 102 -20.55 31.66 12.77
CA ASP F 102 -19.61 32.22 13.74
C ASP F 102 -18.47 33.00 13.11
N TYR F 103 -18.09 32.68 11.87
CA TYR F 103 -16.92 33.32 11.29
C TYR F 103 -17.24 34.23 10.11
N ASN F 104 -18.49 34.22 9.62
CA ASN F 104 -18.80 34.86 8.35
C ASN F 104 -20.00 35.80 8.47
N TYR F 105 -21.12 35.27 8.97
CA TYR F 105 -22.35 36.06 8.98
C TYR F 105 -23.17 35.61 10.17
N LYS F 106 -23.35 36.50 11.14
CA LYS F 106 -24.02 36.20 12.38
C LYS F 106 -25.27 37.05 12.50
N LEU F 107 -26.45 36.38 12.77
CA LEU F 107 -27.72 37.03 13.06
C LEU F 107 -27.89 37.24 14.56
N PRO F 108 -28.52 38.34 14.92
CA PRO F 108 -28.85 38.58 16.33
C PRO F 108 -29.91 37.61 16.81
N ASP F 109 -29.85 37.28 18.12
CA ASP F 109 -30.82 36.35 18.71
C ASP F 109 -32.25 36.86 18.63
N ASP F 110 -32.45 38.18 18.67
CA ASP F 110 -33.79 38.74 18.56
C ASP F 110 -34.03 39.29 17.15
N PHE F 111 -33.60 38.52 16.16
CA PHE F 111 -33.75 38.91 14.77
C PHE F 111 -35.22 39.04 14.40
N THR F 112 -35.58 40.19 13.84
CA THR F 112 -36.90 40.39 13.25
C THR F 112 -36.66 40.72 11.79
N GLY F 113 -36.89 39.72 10.95
CA GLY F 113 -36.55 39.82 9.55
C GLY F 113 -36.76 38.47 8.90
N CYS F 114 -36.34 38.37 7.64
CA CYS F 114 -36.54 37.14 6.89
C CYS F 114 -35.23 36.65 6.28
N VAL F 115 -35.15 35.34 6.12
CA VAL F 115 -34.03 34.67 5.46
C VAL F 115 -34.59 33.92 4.26
N ILE F 116 -34.01 34.18 3.08
CA ILE F 116 -34.48 33.66 1.81
C ILE F 116 -33.28 33.08 1.07
N ALA F 117 -33.45 31.87 0.53
CA ALA F 117 -32.35 31.18 -0.10
C ALA F 117 -32.89 30.30 -1.21
N TRP F 118 -32.06 30.10 -2.23
CA TRP F 118 -32.45 29.22 -3.33
C TRP F 118 -31.21 28.62 -3.96
N ASN F 119 -31.38 27.42 -4.51
CA ASN F 119 -30.31 26.71 -5.19
C ASN F 119 -29.92 27.45 -6.46
N SER F 120 -28.62 27.66 -6.63
CA SER F 120 -28.05 28.41 -7.74
C SER F 120 -26.95 27.61 -8.42
N ASN F 121 -27.09 26.27 -8.39
CA ASN F 121 -26.16 25.41 -9.12
C ASN F 121 -26.06 25.81 -10.59
N ASN F 122 -27.20 26.08 -11.22
CA ASN F 122 -27.20 26.58 -12.59
C ASN F 122 -26.37 27.84 -12.75
N LEU F 123 -26.35 28.71 -11.75
CA LEU F 123 -25.68 29.99 -11.96
C LEU F 123 -24.20 29.96 -11.52
N ASP F 124 -23.91 29.33 -10.37
CA ASP F 124 -22.68 29.59 -9.63
C ASP F 124 -21.70 28.43 -9.63
N SER F 125 -22.02 27.31 -10.27
CA SER F 125 -21.06 26.23 -10.40
C SER F 125 -20.54 26.17 -11.83
N LYS F 126 -19.29 25.74 -11.97
CA LYS F 126 -18.63 25.57 -13.26
C LYS F 126 -18.03 24.17 -13.35
N VAL F 127 -17.94 23.64 -14.57
CA VAL F 127 -17.22 22.38 -14.76
C VAL F 127 -15.77 22.58 -14.34
N GLY F 128 -15.21 21.59 -13.65
CA GLY F 128 -13.89 21.74 -13.07
C GLY F 128 -13.83 22.67 -11.88
N GLY F 129 -14.88 23.44 -11.62
CA GLY F 129 -15.03 24.13 -10.35
C GLY F 129 -14.91 25.62 -10.44
N ASN F 130 -15.94 26.32 -9.99
CA ASN F 130 -15.86 27.76 -9.77
C ASN F 130 -15.27 27.98 -8.39
N TYR F 131 -14.13 28.66 -8.31
CA TYR F 131 -13.52 28.90 -7.01
C TYR F 131 -13.55 30.38 -6.63
N ASN F 132 -14.45 31.18 -7.23
CA ASN F 132 -14.57 32.59 -6.91
C ASN F 132 -15.23 32.87 -5.56
N TYR F 133 -16.01 31.93 -5.03
CA TYR F 133 -16.72 32.14 -3.78
C TYR F 133 -15.89 31.58 -2.61
N LEU F 134 -15.61 32.45 -1.64
CA LEU F 134 -14.86 32.13 -0.44
C LEU F 134 -15.72 32.24 0.81
N TYR F 135 -15.28 31.58 1.87
CA TYR F 135 -15.80 31.78 3.22
C TYR F 135 -14.61 31.78 4.18
N ARG F 136 -14.80 32.39 5.34
CA ARG F 136 -13.75 32.41 6.36
C ARG F 136 -13.76 31.08 7.12
N LEU F 137 -12.62 30.38 7.09
CA LEU F 137 -12.49 29.07 7.74
C LEU F 137 -11.93 29.17 9.15
N PHE F 138 -11.09 30.15 9.43
CA PHE F 138 -10.48 30.32 10.74
C PHE F 138 -10.74 31.74 11.24
N ARG F 139 -10.86 31.89 12.56
CA ARG F 139 -10.93 33.22 13.17
C ARG F 139 -10.60 33.12 14.66
N LYS F 140 -10.01 34.19 15.21
CA LYS F 140 -9.64 34.17 16.62
C LYS F 140 -10.85 34.18 17.54
N SER F 141 -11.99 34.68 17.06
CA SER F 141 -13.19 34.79 17.90
C SER F 141 -14.43 34.88 17.02
N ASN F 142 -15.58 34.59 17.62
CA ASN F 142 -16.84 34.69 16.88
C ASN F 142 -17.15 36.14 16.49
N LEU F 143 -17.81 36.30 15.34
CA LEU F 143 -18.35 37.58 14.94
C LEU F 143 -19.47 38.03 15.87
N LYS F 144 -19.54 39.32 16.14
CA LYS F 144 -20.77 39.75 16.78
C LYS F 144 -21.86 39.96 15.72
N PRO F 145 -23.14 40.01 16.08
CA PRO F 145 -24.21 40.05 15.05
C PRO F 145 -24.02 41.17 14.03
N PHE F 146 -24.15 40.81 12.75
CA PHE F 146 -24.04 41.70 11.59
C PHE F 146 -22.64 42.25 11.38
N GLU F 147 -21.65 41.78 12.13
CA GLU F 147 -20.27 42.15 11.86
C GLU F 147 -19.78 41.56 10.54
N ARG F 148 -18.93 42.32 9.84
CA ARG F 148 -18.28 41.87 8.61
C ARG F 148 -16.76 41.90 8.81
N ASP F 149 -16.11 40.78 8.54
CA ASP F 149 -14.67 40.69 8.63
C ASP F 149 -14.17 40.32 7.24
N ILE F 150 -13.42 41.23 6.61
CA ILE F 150 -12.82 40.96 5.31
C ILE F 150 -11.30 40.98 5.39
N SER F 151 -10.74 40.90 6.59
CA SER F 151 -9.28 40.87 6.72
C SER F 151 -8.73 39.51 6.29
N THR F 152 -7.52 39.54 5.71
CA THR F 152 -6.85 38.31 5.26
C THR F 152 -5.49 38.10 5.90
N GLU F 153 -5.41 38.22 7.21
CA GLU F 153 -4.18 37.89 7.89
C GLU F 153 -4.03 36.38 8.11
N ILE F 154 -2.78 35.93 8.20
CA ILE F 154 -2.47 34.52 8.43
C ILE F 154 -2.95 34.12 9.81
N TYR F 155 -3.74 33.06 9.89
CA TYR F 155 -4.28 32.60 11.16
C TYR F 155 -3.29 31.68 11.86
N GLN F 156 -3.05 31.94 13.13
CA GLN F 156 -2.10 31.17 13.94
C GLN F 156 -2.89 30.14 14.72
N ALA F 157 -2.94 28.90 14.20
CA ALA F 157 -3.71 27.85 14.83
C ALA F 157 -2.98 27.23 16.01
N GLY F 158 -1.67 27.42 16.10
CA GLY F 158 -0.91 26.77 17.14
C GLY F 158 -0.15 27.76 18.00
N SER F 159 0.71 27.25 18.86
CA SER F 159 1.45 28.10 19.78
C SER F 159 2.63 28.81 19.13
N THR F 160 2.95 28.52 17.86
CA THR F 160 4.17 29.08 17.30
C THR F 160 3.85 30.14 16.26
N PRO F 161 4.69 31.16 16.12
CA PRO F 161 4.33 32.34 15.32
C PRO F 161 4.35 32.05 13.83
N CYS F 162 3.57 32.85 13.09
CA CYS F 162 3.41 32.71 11.64
C CYS F 162 4.23 33.71 10.85
N ASN F 163 4.56 34.86 11.43
CA ASN F 163 5.38 35.89 10.78
C ASN F 163 4.82 36.31 9.42
N GLY F 164 3.49 36.32 9.29
CA GLY F 164 2.85 36.81 8.08
C GLY F 164 2.85 35.88 6.88
N VAL F 165 3.30 34.63 7.03
CA VAL F 165 3.28 33.66 5.93
C VAL F 165 2.54 32.38 6.33
N GLU F 166 2.13 31.64 5.30
CA GLU F 166 1.59 30.30 5.52
C GLU F 166 2.70 29.31 5.83
N GLY F 167 2.46 28.47 6.84
CA GLY F 167 3.40 27.44 7.23
C GLY F 167 2.81 26.49 8.25
N PHE F 168 3.67 25.93 9.10
CA PHE F 168 3.25 24.98 10.13
C PHE F 168 2.20 25.60 11.06
N ASN F 169 0.99 25.01 11.07
CA ASN F 169 -0.13 25.49 11.90
C ASN F 169 -0.44 26.98 11.65
N CYS F 170 -0.30 27.42 10.40
CA CYS F 170 -0.43 28.84 10.04
C CYS F 170 -1.10 28.89 8.68
N TYR F 171 -2.35 29.36 8.63
CA TYR F 171 -3.17 29.21 7.44
C TYR F 171 -3.66 30.54 6.89
N PHE F 172 -3.82 30.58 5.58
CA PHE F 172 -4.62 31.64 4.99
C PHE F 172 -6.06 31.49 5.50
N PRO F 173 -6.68 32.57 5.99
CA PRO F 173 -7.94 32.40 6.76
C PRO F 173 -9.16 32.09 5.92
N LEU F 174 -9.09 32.26 4.60
CA LEU F 174 -10.24 32.09 3.72
C LEU F 174 -10.05 30.87 2.84
N GLN F 175 -11.17 30.22 2.52
CA GLN F 175 -11.15 28.99 1.74
C GLN F 175 -12.17 29.10 0.63
N SER F 176 -11.86 28.49 -0.51
CA SER F 176 -12.77 28.54 -1.63
C SER F 176 -13.74 27.36 -1.59
N TYR F 177 -14.90 27.54 -2.17
CA TYR F 177 -15.93 26.51 -2.14
C TYR F 177 -15.70 25.48 -3.25
N GLY F 178 -15.34 25.93 -4.44
CA GLY F 178 -15.18 24.99 -5.53
C GLY F 178 -16.47 24.33 -5.95
N PHE F 179 -17.40 25.12 -6.46
CA PHE F 179 -18.68 24.57 -6.86
C PHE F 179 -18.58 23.89 -8.23
N GLN F 180 -19.00 22.63 -8.28
CA GLN F 180 -19.07 21.81 -9.49
C GLN F 180 -20.49 21.30 -9.67
N PRO F 181 -21.02 21.36 -10.91
CA PRO F 181 -22.44 21.03 -11.11
C PRO F 181 -22.81 19.61 -10.69
N THR F 182 -21.84 18.70 -10.61
CA THR F 182 -22.11 17.33 -10.21
C THR F 182 -22.07 17.14 -8.70
N ASN F 183 -21.77 18.19 -7.93
CA ASN F 183 -21.78 18.07 -6.47
C ASN F 183 -23.15 17.62 -5.97
N GLY F 184 -23.16 16.92 -4.84
CA GLY F 184 -24.41 16.67 -4.13
C GLY F 184 -25.05 17.96 -3.66
N VAL F 185 -26.35 17.88 -3.38
CA VAL F 185 -27.15 19.08 -3.10
C VAL F 185 -26.60 19.86 -1.93
N GLY F 186 -26.09 19.17 -0.91
CA GLY F 186 -25.58 19.86 0.26
C GLY F 186 -24.30 20.62 0.00
N TYR F 187 -23.58 20.28 -1.06
CA TYR F 187 -22.38 21.03 -1.45
C TYR F 187 -22.63 21.92 -2.65
N GLN F 188 -23.87 22.03 -3.11
CA GLN F 188 -24.16 22.95 -4.19
C GLN F 188 -24.34 24.38 -3.68
N PRO F 189 -24.07 25.37 -4.52
CA PRO F 189 -24.19 26.76 -4.07
C PRO F 189 -25.65 27.15 -3.90
N TYR F 190 -25.88 28.01 -2.90
CA TYR F 190 -27.16 28.64 -2.71
C TYR F 190 -26.91 30.14 -2.58
N ARG F 191 -27.72 30.93 -3.25
CA ARG F 191 -27.78 32.36 -2.99
C ARG F 191 -28.71 32.57 -1.81
N VAL F 192 -28.32 33.48 -0.92
CA VAL F 192 -29.10 33.79 0.26
C VAL F 192 -29.34 35.30 0.30
N VAL F 193 -30.54 35.69 0.71
CA VAL F 193 -30.86 37.09 0.95
C VAL F 193 -31.48 37.19 2.34
N VAL F 194 -30.95 38.10 3.15
CA VAL F 194 -31.46 38.34 4.49
C VAL F 194 -32.01 39.76 4.53
N LEU F 195 -33.25 39.90 4.98
CA LEU F 195 -33.91 41.19 5.13
C LEU F 195 -34.00 41.59 6.60
N SER F 196 -33.46 42.76 6.93
CA SER F 196 -33.62 43.37 8.24
C SER F 196 -34.56 44.57 8.13
N PHE F 197 -35.38 44.77 9.16
CA PHE F 197 -36.38 45.84 9.19
C PHE F 197 -36.06 46.80 10.33
N GLU F 198 -35.81 48.06 9.97
CA GLU F 198 -35.21 49.04 10.86
C GLU F 198 -36.25 50.01 11.38
N LEU F 199 -36.14 50.36 12.67
CA LEU F 199 -37.11 51.20 13.37
C LEU F 199 -36.32 52.09 14.33
N LEU F 200 -36.14 53.36 13.99
CA LEU F 200 -35.30 54.22 14.83
C LEU F 200 -35.86 55.64 14.98
N HIS F 201 -37.12 55.73 15.41
CA HIS F 201 -37.80 57.02 15.71
C HIS F 201 -37.41 58.10 14.70
N ALA F 202 -37.73 57.82 13.44
CA ALA F 202 -37.41 58.70 12.33
C ALA F 202 -38.44 58.46 11.23
N PRO F 203 -38.58 59.40 10.29
CA PRO F 203 -39.60 59.21 9.24
C PRO F 203 -39.41 57.90 8.49
N ALA F 204 -40.50 57.15 8.35
CA ALA F 204 -40.46 55.86 7.67
C ALA F 204 -40.47 56.06 6.16
N THR F 205 -39.62 55.29 5.46
CA THR F 205 -39.46 55.46 4.03
C THR F 205 -39.77 54.21 3.22
N VAL F 206 -40.14 53.09 3.85
CA VAL F 206 -40.55 51.89 3.12
C VAL F 206 -41.85 51.41 3.74
N CYS F 207 -42.88 51.20 2.92
CA CYS F 207 -44.19 50.90 3.50
C CYS F 207 -44.90 49.69 2.91
N GLY F 208 -45.38 49.76 1.68
CA GLY F 208 -46.05 48.62 1.09
C GLY F 208 -47.57 48.63 1.06
#